data_6CP9
#
_entry.id   6CP9
#
_cell.length_a   102.643
_cell.length_b   145.446
_cell.length_c   84.281
_cell.angle_alpha   90.00
_cell.angle_beta   90.00
_cell.angle_gamma   90.00
#
_symmetry.space_group_name_H-M   'P 21 21 2'
#
loop_
_entity.id
_entity.type
_entity.pdbx_description
1 polymer CdiA
2 polymer CdiI
3 water water
#
loop_
_entity_poly.entity_id
_entity_poly.type
_entity_poly.pdbx_seq_one_letter_code
_entity_poly.pdbx_strand_id
1 'polypeptide(L)'
;VPEITTAQTIANSVVDAKKFDYLFGKATGNSHTLDRTNQLALE(MSE)KRLGVADDINGHAVLAEHFTQATKDSNNIVKK
YTDQYGSFEIRESFFIGPSGKATVFESTFEV(MSE)KDGSHRFITTIPKNGVTK
;
A,C,E,G
2 'polypeptide(L)'
;(MSE)FIENKPGEIELLSFFESEPVSFERDNISFLYTAKNKCGLSVDFSFSVVEGWIQYTVRLHENEILHNSIDGVSSFS
IRNDNLGDYIYAEIITKELINKIEIRIRPDIKIKSSSVIR
;
B,D,F,H
#
# COMPACT_ATOMS: atom_id res chain seq x y z
N THR A 6 -12.46 39.90 -49.71
CA THR A 6 -11.99 39.33 -48.45
C THR A 6 -10.94 38.26 -48.66
N ALA A 7 -11.34 37.12 -49.24
CA ALA A 7 -10.43 35.98 -49.40
C ALA A 7 -9.16 36.37 -50.16
N GLN A 8 -9.15 37.56 -50.77
CA GLN A 8 -7.94 38.14 -51.32
C GLN A 8 -7.16 38.95 -50.29
N THR A 9 -7.86 39.54 -49.31
CA THR A 9 -7.18 40.14 -48.16
C THR A 9 -6.26 39.12 -47.49
N ILE A 10 -6.77 37.90 -47.31
CA ILE A 10 -5.97 36.80 -46.79
C ILE A 10 -4.84 36.46 -47.75
N ALA A 11 -5.10 36.57 -49.07
CA ALA A 11 -4.08 36.22 -50.05
C ALA A 11 -2.95 37.22 -50.11
N ASN A 12 -3.22 38.50 -49.86
CA ASN A 12 -2.17 39.53 -49.84
C ASN A 12 -1.55 39.69 -48.46
N SER A 13 -1.91 38.84 -47.50
CA SER A 13 -1.42 39.01 -46.14
C SER A 13 -0.05 38.40 -45.98
N VAL A 14 0.46 38.48 -44.76
CA VAL A 14 1.73 37.88 -44.40
C VAL A 14 1.53 36.49 -43.81
N VAL A 15 0.28 36.08 -43.59
CA VAL A 15 -0.04 34.79 -42.98
C VAL A 15 -0.37 33.81 -44.10
N ASP A 16 0.52 32.85 -44.31
CA ASP A 16 0.30 31.80 -45.28
C ASP A 16 -0.92 30.97 -44.89
N ALA A 17 -1.54 30.36 -45.88
CA ALA A 17 -2.71 29.54 -45.63
C ALA A 17 -2.38 28.38 -44.67
N LYS A 18 -1.15 27.87 -44.77
CA LYS A 18 -0.71 26.77 -43.92
C LYS A 18 -0.62 27.20 -42.47
N LYS A 19 -0.34 28.50 -42.23
CA LYS A 19 -0.19 29.02 -40.89
C LYS A 19 -1.52 29.18 -40.17
N PHE A 20 -2.65 29.13 -40.89
CA PHE A 20 -3.91 29.30 -40.21
C PHE A 20 -4.30 28.06 -39.44
N ASP A 21 -3.80 26.89 -39.86
CA ASP A 21 -3.96 25.71 -39.02
C ASP A 21 -3.25 25.88 -37.69
N TYR A 22 -2.05 26.48 -37.71
CA TYR A 22 -1.35 26.73 -36.46
C TYR A 22 -2.10 27.72 -35.59
N LEU A 23 -2.63 28.78 -36.20
CA LEU A 23 -3.26 29.84 -35.42
C LEU A 23 -4.50 29.37 -34.71
N PHE A 24 -5.22 28.39 -35.27
CA PHE A 24 -6.42 27.88 -34.62
C PHE A 24 -6.20 26.56 -33.91
N GLY A 25 -4.95 26.23 -33.59
CA GLY A 25 -4.69 25.04 -32.80
C GLY A 25 -4.82 23.74 -33.55
N LYS A 26 -4.58 23.74 -34.86
CA LYS A 26 -4.67 22.51 -35.62
C LYS A 26 -3.35 22.05 -36.23
N ALA A 27 -2.24 22.74 -35.96
CA ALA A 27 -0.93 22.31 -36.48
C ALA A 27 -0.35 21.27 -35.53
N THR A 28 -0.78 20.03 -35.73
CA THR A 28 -0.28 18.93 -34.93
C THR A 28 1.24 18.79 -35.03
N GLY A 29 1.87 18.47 -33.89
CA GLY A 29 3.32 18.48 -33.78
C GLY A 29 4.03 17.30 -34.44
N ASN A 30 5.30 17.54 -34.74
CA ASN A 30 6.21 16.54 -35.31
C ASN A 30 7.64 17.02 -35.04
N SER A 31 8.63 16.34 -35.65
CA SER A 31 10.02 16.61 -35.32
C SER A 31 10.42 18.07 -35.56
N HIS A 32 9.76 18.76 -36.51
CA HIS A 32 10.07 20.13 -36.87
C HIS A 32 8.99 21.13 -36.44
N THR A 33 7.97 20.67 -35.72
CA THR A 33 6.82 21.48 -35.34
C THR A 33 6.54 21.25 -33.87
N LEU A 34 6.65 22.31 -33.08
CA LEU A 34 6.32 22.24 -31.67
C LEU A 34 4.80 22.29 -31.50
N ASP A 35 4.23 21.35 -30.76
CA ASP A 35 2.78 21.29 -30.70
C ASP A 35 2.29 22.35 -29.72
N ARG A 36 1.61 23.37 -30.24
CA ARG A 36 0.96 24.38 -29.42
C ARG A 36 -0.53 24.43 -29.71
N THR A 37 -1.11 23.28 -30.06
CA THR A 37 -2.49 23.28 -30.52
C THR A 37 -3.44 23.70 -29.42
N ASN A 38 -3.23 23.19 -28.20
CA ASN A 38 -4.12 23.53 -27.10
C ASN A 38 -4.05 25.02 -26.75
N GLN A 39 -2.82 25.54 -26.66
CA GLN A 39 -2.63 26.91 -26.22
C GLN A 39 -3.29 27.88 -27.18
N LEU A 40 -3.05 27.67 -28.48
CA LEU A 40 -3.56 28.59 -29.50
C LEU A 40 -5.08 28.48 -29.65
N ALA A 41 -5.61 27.26 -29.61
CA ALA A 41 -7.05 27.08 -29.70
C ALA A 41 -7.77 27.76 -28.54
N LEU A 42 -7.24 27.60 -27.32
CA LEU A 42 -7.82 28.23 -26.12
C LEU A 42 -7.75 29.73 -26.18
N GLU A 43 -6.65 30.27 -26.70
CA GLU A 43 -6.52 31.71 -26.79
C GLU A 43 -7.49 32.29 -27.82
N LYS A 45 -10.33 31.18 -28.72
CA LYS A 45 -11.66 31.19 -28.11
C LYS A 45 -11.76 32.29 -27.07
N ARG A 46 -10.71 32.49 -26.28
CA ARG A 46 -10.73 33.56 -25.29
C ARG A 46 -10.91 34.92 -25.96
N LEU A 47 -10.17 35.18 -27.03
CA LEU A 47 -10.26 36.47 -27.70
C LEU A 47 -11.53 36.61 -28.54
N GLY A 48 -12.28 35.53 -28.72
CA GLY A 48 -13.45 35.57 -29.57
C GLY A 48 -13.17 35.47 -31.06
N VAL A 49 -12.04 34.89 -31.44
CA VAL A 49 -11.68 34.71 -32.84
C VAL A 49 -12.09 33.29 -33.22
N ALA A 50 -13.11 33.21 -34.06
CA ALA A 50 -13.65 31.94 -34.51
C ALA A 50 -12.89 31.43 -35.74
N ASP A 51 -12.91 30.12 -35.92
CA ASP A 51 -12.26 29.51 -37.08
C ASP A 51 -13.16 29.61 -38.31
N ASP A 52 -13.57 30.83 -38.60
CA ASP A 52 -14.40 31.10 -39.78
C ASP A 52 -13.70 32.12 -40.67
N ILE A 53 -14.42 32.57 -41.70
CA ILE A 53 -13.86 33.56 -42.62
C ILE A 53 -13.58 34.88 -41.92
N ASN A 54 -14.49 35.35 -41.06
CA ASN A 54 -14.23 36.57 -40.30
C ASN A 54 -13.01 36.38 -39.40
N GLY A 55 -12.94 35.25 -38.71
CA GLY A 55 -11.78 35.00 -37.88
C GLY A 55 -10.47 35.07 -38.64
N HIS A 56 -10.43 34.46 -39.83
CA HIS A 56 -9.19 34.48 -40.61
C HIS A 56 -8.82 35.89 -41.04
N ALA A 57 -9.83 36.67 -41.45
CA ALA A 57 -9.57 38.02 -41.96
C ALA A 57 -9.08 38.93 -40.84
N VAL A 58 -9.63 38.77 -39.64
CA VAL A 58 -9.22 39.54 -38.49
C VAL A 58 -7.75 39.30 -38.17
N LEU A 59 -7.34 38.03 -38.14
CA LEU A 59 -5.95 37.71 -37.84
C LEU A 59 -5.05 38.14 -39.00
N ALA A 60 -5.46 37.84 -40.23
CA ALA A 60 -4.67 38.22 -41.40
C ALA A 60 -4.35 39.70 -41.39
N GLU A 61 -5.38 40.52 -41.19
CA GLU A 61 -5.18 41.96 -41.19
C GLU A 61 -4.26 42.38 -40.06
N HIS A 62 -4.43 41.81 -38.86
CA HIS A 62 -3.60 42.20 -37.73
C HIS A 62 -2.12 41.86 -37.95
N PHE A 63 -1.82 40.62 -38.34
CA PHE A 63 -0.40 40.27 -38.50
C PHE A 63 0.21 40.94 -39.71
N THR A 64 -0.59 41.24 -40.73
CA THR A 64 -0.05 42.05 -41.81
C THR A 64 0.27 43.46 -41.32
N GLN A 65 -0.66 44.03 -40.55
CA GLN A 65 -0.47 45.40 -40.09
C GLN A 65 0.68 45.49 -39.09
N ALA A 66 0.94 44.39 -38.37
CA ALA A 66 2.03 44.37 -37.40
C ALA A 66 3.39 44.53 -38.07
N THR A 67 3.50 44.18 -39.35
CA THR A 67 4.76 44.38 -40.05
C THR A 67 4.93 45.80 -40.55
N LYS A 68 3.85 46.58 -40.63
CA LYS A 68 3.95 47.94 -41.19
C LYS A 68 4.58 48.95 -40.25
N ASP A 69 4.51 48.76 -38.93
CA ASP A 69 5.21 49.64 -37.99
C ASP A 69 6.62 49.09 -37.76
N SER A 70 7.62 49.96 -37.78
CA SER A 70 9.00 49.54 -37.57
C SER A 70 9.45 49.72 -36.13
N ASN A 71 8.58 50.26 -35.29
CA ASN A 71 8.83 50.56 -33.90
C ASN A 71 8.29 49.49 -32.95
N ASN A 72 7.87 48.34 -33.48
CA ASN A 72 7.45 47.24 -32.63
C ASN A 72 8.38 46.04 -32.73
N ILE A 73 9.57 46.21 -33.31
CA ILE A 73 10.54 45.13 -33.46
C ILE A 73 11.39 45.03 -32.20
N VAL A 74 11.27 43.92 -31.47
CA VAL A 74 11.98 43.79 -30.21
C VAL A 74 13.25 42.95 -30.30
N LYS A 75 13.38 42.08 -31.31
CA LYS A 75 14.59 41.27 -31.44
C LYS A 75 14.77 40.92 -32.91
N LYS A 76 16.03 40.96 -33.36
CA LYS A 76 16.44 40.60 -34.70
C LYS A 76 17.48 39.48 -34.64
N TYR A 77 17.51 38.65 -35.68
CA TYR A 77 18.50 37.57 -35.75
C TYR A 77 18.80 37.27 -37.20
N THR A 78 20.10 37.07 -37.50
CA THR A 78 20.55 36.74 -38.85
C THR A 78 21.55 35.60 -38.82
N ASP A 79 21.35 34.61 -39.66
CA ASP A 79 22.36 33.58 -39.83
C ASP A 79 22.51 33.31 -41.32
N GLN A 80 23.25 32.24 -41.67
CA GLN A 80 23.50 31.92 -43.06
C GLN A 80 22.21 31.72 -43.85
N TYR A 81 21.10 31.39 -43.18
CA TYR A 81 19.87 31.13 -43.91
C TYR A 81 19.06 32.39 -44.22
N GLY A 82 19.06 33.39 -43.34
CA GLY A 82 18.32 34.60 -43.64
C GLY A 82 18.17 35.49 -42.42
N SER A 83 17.25 36.44 -42.53
CA SER A 83 17.06 37.46 -41.50
C SER A 83 15.67 37.34 -40.92
N PHE A 84 15.60 37.38 -39.58
CA PHE A 84 14.36 37.14 -38.85
C PHE A 84 14.20 38.22 -37.81
N GLU A 85 12.95 38.42 -37.37
CA GLU A 85 12.65 39.46 -36.41
C GLU A 85 11.45 39.07 -35.57
N ILE A 86 11.43 39.55 -34.33
CA ILE A 86 10.30 39.38 -33.42
C ILE A 86 9.62 40.72 -33.20
N ARG A 87 8.29 40.72 -33.28
CA ARG A 87 7.48 41.93 -33.17
C ARG A 87 6.41 41.77 -32.11
N GLU A 88 6.18 42.82 -31.33
CA GLU A 88 5.10 42.84 -30.35
C GLU A 88 3.90 43.59 -30.92
N SER A 89 2.70 43.06 -30.72
CA SER A 89 1.53 43.73 -31.25
C SER A 89 0.35 43.51 -30.31
N PHE A 90 -0.43 44.57 -30.13
CA PHE A 90 -1.57 44.56 -29.22
C PHE A 90 -2.83 44.18 -30.00
N PHE A 91 -3.62 43.30 -29.41
CA PHE A 91 -4.81 42.77 -30.07
C PHE A 91 -5.91 42.61 -29.04
N ILE A 92 -7.06 43.26 -29.28
CA ILE A 92 -8.28 43.01 -28.54
C ILE A 92 -9.28 42.36 -29.50
N GLY A 93 -9.85 41.24 -29.07
CA GLY A 93 -10.75 40.47 -29.92
C GLY A 93 -12.22 40.77 -29.73
N PRO A 94 -13.07 40.16 -30.57
CA PRO A 94 -14.52 40.40 -30.45
C PRO A 94 -15.09 40.14 -29.08
N SER A 95 -14.50 39.24 -28.29
CA SER A 95 -14.97 39.03 -26.93
C SER A 95 -14.64 40.21 -26.01
N GLY A 96 -13.73 41.11 -26.41
CA GLY A 96 -13.26 42.15 -25.55
C GLY A 96 -12.01 41.82 -24.76
N LYS A 97 -11.60 40.55 -24.70
CA LYS A 97 -10.37 40.17 -24.04
C LYS A 97 -9.18 40.53 -24.93
N ALA A 98 -8.04 40.78 -24.30
CA ALA A 98 -6.91 41.32 -25.04
C ALA A 98 -5.66 40.49 -24.79
N THR A 99 -4.71 40.63 -25.70
CA THR A 99 -3.43 40.00 -25.54
C THR A 99 -2.42 40.80 -26.35
N VAL A 100 -1.14 40.52 -26.10
CA VAL A 100 -0.04 41.01 -26.92
C VAL A 100 0.53 39.82 -27.65
N PHE A 101 0.55 39.89 -28.97
CA PHE A 101 1.12 38.81 -29.77
C PHE A 101 2.60 39.10 -29.95
N GLU A 102 3.43 38.10 -29.62
CA GLU A 102 4.85 38.12 -29.90
C GLU A 102 5.03 37.24 -31.14
N SER A 103 5.20 37.88 -32.31
CA SER A 103 5.23 37.17 -33.58
C SER A 103 6.63 37.21 -34.17
N THR A 104 6.98 36.11 -34.84
CA THR A 104 8.27 35.96 -35.48
C THR A 104 8.08 35.94 -36.99
N PHE A 105 8.85 36.76 -37.69
CA PHE A 105 8.83 36.83 -39.15
C PHE A 105 10.22 36.53 -39.71
N GLU A 106 10.25 36.10 -40.97
CA GLU A 106 11.48 36.18 -41.77
C GLU A 106 11.37 37.41 -42.67
N VAL A 107 12.45 38.18 -42.76
CA VAL A 107 12.49 39.32 -43.67
C VAL A 107 13.07 38.83 -45.00
N LYS A 109 14.06 38.31 -49.09
CA LYS A 109 14.99 39.08 -49.90
C LYS A 109 14.26 40.14 -50.72
N ASP A 110 13.04 39.85 -51.17
CA ASP A 110 12.26 40.87 -51.86
C ASP A 110 11.63 41.87 -50.90
N GLY A 111 11.96 41.81 -49.61
CA GLY A 111 11.54 42.80 -48.65
C GLY A 111 10.26 42.47 -47.91
N SER A 112 9.46 41.54 -48.42
CA SER A 112 8.19 41.22 -47.79
C SER A 112 8.44 40.49 -46.49
N HIS A 113 7.38 40.31 -45.72
CA HIS A 113 7.48 39.66 -44.43
C HIS A 113 6.70 38.36 -44.45
N ARG A 114 7.30 37.31 -43.88
CA ARG A 114 6.70 35.97 -43.86
C ARG A 114 6.43 35.60 -42.40
N PHE A 115 5.15 35.47 -42.06
CA PHE A 115 4.76 35.06 -40.72
C PHE A 115 5.22 33.63 -40.48
N ILE A 116 5.94 33.41 -39.37
CA ILE A 116 6.44 32.08 -38.98
C ILE A 116 5.61 31.51 -37.82
N THR A 117 5.52 32.24 -36.71
CA THR A 117 4.77 31.78 -35.54
C THR A 117 4.45 32.99 -34.68
N THR A 118 3.64 32.77 -33.65
CA THR A 118 3.30 33.82 -32.71
C THR A 118 2.88 33.16 -31.41
N ILE A 119 3.10 33.88 -30.31
CA ILE A 119 2.69 33.47 -28.98
C ILE A 119 1.83 34.58 -28.38
N PRO A 120 0.67 34.29 -27.80
CA PRO A 120 -0.03 35.33 -27.04
C PRO A 120 0.56 35.44 -25.65
N LYS A 121 0.68 36.67 -25.17
CA LYS A 121 1.19 36.95 -23.84
C LYS A 121 0.18 37.87 -23.16
N ASN A 122 -0.66 37.28 -22.31
CA ASN A 122 -1.80 37.99 -21.74
C ASN A 122 -1.35 39.03 -20.71
N GLY A 123 -0.63 38.59 -19.67
CA GLY A 123 -0.31 39.43 -18.53
C GLY A 123 0.37 40.76 -18.84
N PHE B 2 14.79 33.35 -30.21
CA PHE B 2 15.88 32.78 -30.99
C PHE B 2 16.85 32.04 -30.08
N ILE B 3 17.25 30.84 -30.50
CA ILE B 3 18.36 30.16 -29.86
C ILE B 3 19.65 30.81 -30.38
N GLU B 4 20.22 31.71 -29.59
CA GLU B 4 21.41 32.44 -30.00
C GLU B 4 22.70 31.74 -29.64
N ASN B 5 22.71 30.86 -28.66
CA ASN B 5 23.89 30.09 -28.26
C ASN B 5 23.58 28.61 -28.37
N LYS B 6 24.14 27.98 -29.38
CA LYS B 6 23.95 26.58 -29.67
C LYS B 6 25.32 25.98 -29.97
N PRO B 7 25.47 24.67 -29.81
CA PRO B 7 26.68 24.02 -30.29
C PRO B 7 26.83 24.23 -31.79
N GLY B 8 28.08 24.39 -32.22
CA GLY B 8 28.36 24.48 -33.64
C GLY B 8 27.98 23.20 -34.35
N GLU B 9 27.81 23.32 -35.66
CA GLU B 9 27.37 22.18 -36.45
C GLU B 9 28.38 21.02 -36.34
N ILE B 10 29.66 21.34 -36.17
CA ILE B 10 30.67 20.30 -35.99
C ILE B 10 30.55 19.66 -34.61
N GLU B 11 30.29 20.46 -33.58
CA GLU B 11 30.15 19.90 -32.23
C GLU B 11 28.99 18.90 -32.19
N LEU B 12 27.86 19.24 -32.83
CA LEU B 12 26.72 18.33 -32.90
C LEU B 12 27.05 17.10 -33.73
N LEU B 13 27.83 17.28 -34.79
CA LEU B 13 28.26 16.14 -35.60
C LEU B 13 29.04 15.14 -34.76
N SER B 14 29.95 15.63 -33.91
CA SER B 14 30.69 14.72 -33.04
C SER B 14 29.77 14.05 -32.04
N PHE B 15 28.87 14.84 -31.44
CA PHE B 15 28.00 14.32 -30.40
C PHE B 15 27.08 13.21 -30.92
N PHE B 16 26.49 13.41 -32.10
CA PHE B 16 25.55 12.44 -32.64
C PHE B 16 26.19 11.48 -33.62
N GLU B 17 27.45 11.69 -33.97
CA GLU B 17 28.17 10.85 -34.93
C GLU B 17 27.38 10.71 -36.22
N SER B 18 26.62 11.74 -36.56
CA SER B 18 25.82 11.79 -37.77
C SER B 18 25.39 13.21 -38.05
N GLU B 19 25.24 13.53 -39.33
CA GLU B 19 24.65 14.78 -39.72
C GLU B 19 23.17 14.76 -39.32
N PRO B 20 22.48 15.91 -39.36
CA PRO B 20 21.04 15.88 -39.13
C PRO B 20 20.36 14.98 -40.14
N VAL B 21 19.33 14.29 -39.67
CA VAL B 21 18.43 13.55 -40.54
C VAL B 21 17.70 14.50 -41.50
N SER B 22 17.24 15.65 -41.00
CA SER B 22 16.47 16.55 -41.84
C SER B 22 16.56 17.98 -41.32
N PHE B 23 16.36 18.90 -42.25
CA PHE B 23 16.41 20.31 -41.98
C PHE B 23 15.13 20.94 -42.51
N GLU B 24 14.52 21.82 -41.72
CA GLU B 24 13.33 22.56 -42.12
C GLU B 24 13.71 24.01 -42.26
N ARG B 25 13.65 24.51 -43.49
CA ARG B 25 14.00 25.89 -43.78
C ARG B 25 13.03 26.89 -43.15
N ASP B 26 11.74 26.54 -43.07
CA ASP B 26 10.73 27.48 -42.59
C ASP B 26 11.11 28.07 -41.23
N ASN B 27 11.61 27.23 -40.32
CA ASN B 27 11.88 27.67 -38.95
C ASN B 27 13.28 27.28 -38.51
N ILE B 28 14.21 27.09 -39.45
CA ILE B 28 15.61 26.71 -39.18
C ILE B 28 15.65 25.62 -38.11
N SER B 29 15.06 24.45 -38.37
CA SER B 29 14.97 23.43 -37.35
C SER B 29 15.64 22.14 -37.83
N PHE B 30 16.29 21.45 -36.90
CA PHE B 30 17.10 20.28 -37.22
C PHE B 30 16.61 19.08 -36.43
N LEU B 31 16.66 17.91 -37.04
CA LEU B 31 16.37 16.68 -36.33
C LEU B 31 17.59 15.78 -36.34
N TYR B 32 18.01 15.34 -35.16
CA TYR B 32 19.06 14.34 -35.01
C TYR B 32 18.49 13.09 -34.34
N THR B 33 19.12 11.94 -34.62
CA THR B 33 18.71 10.60 -34.17
C THR B 33 19.92 9.85 -33.65
N ALA B 34 19.73 9.11 -32.58
CA ALA B 34 20.76 8.21 -32.08
C ALA B 34 20.08 6.93 -31.59
N LYS B 35 20.81 5.82 -31.71
CA LYS B 35 20.35 4.49 -31.30
C LYS B 35 21.40 3.81 -30.45
N ASN B 36 20.96 2.95 -29.55
CA ASN B 36 21.85 1.97 -28.94
C ASN B 36 21.55 0.63 -29.60
N LYS B 37 22.29 -0.41 -29.20
CA LYS B 37 22.14 -1.70 -29.88
C LYS B 37 21.04 -2.58 -29.30
N CYS B 38 20.14 -2.02 -28.48
CA CYS B 38 19.07 -2.79 -27.84
C CYS B 38 17.66 -2.35 -28.22
N GLY B 39 17.49 -1.59 -29.30
CA GLY B 39 16.20 -1.14 -29.74
C GLY B 39 15.76 0.21 -29.18
N LEU B 40 16.63 0.88 -28.41
CA LEU B 40 16.31 2.17 -27.83
C LEU B 40 16.86 3.27 -28.74
N SER B 41 16.01 4.23 -29.09
CA SER B 41 16.45 5.35 -29.93
C SER B 41 15.92 6.66 -29.39
N VAL B 42 16.57 7.74 -29.78
CA VAL B 42 16.19 9.08 -29.33
C VAL B 42 16.26 10.06 -30.49
N ASP B 43 15.20 10.86 -30.65
CA ASP B 43 15.10 11.93 -31.64
C ASP B 43 15.25 13.27 -30.94
N PHE B 44 16.27 14.03 -31.30
CA PHE B 44 16.48 15.34 -30.69
C PHE B 44 16.32 16.41 -31.75
N SER B 45 15.46 17.40 -31.50
CA SER B 45 15.28 18.45 -32.49
C SER B 45 15.11 19.79 -31.80
N PHE B 46 15.35 20.83 -32.58
CA PHE B 46 15.32 22.19 -32.06
C PHE B 46 15.13 23.13 -33.23
N SER B 47 14.53 24.28 -32.96
CA SER B 47 14.29 25.32 -33.95
C SER B 47 15.03 26.57 -33.51
N VAL B 48 15.97 27.02 -34.33
CA VAL B 48 16.74 28.22 -33.97
C VAL B 48 15.86 29.46 -33.96
N VAL B 49 14.87 29.55 -34.86
CA VAL B 49 14.13 30.80 -34.96
C VAL B 49 12.88 30.83 -34.10
N GLU B 50 12.38 29.67 -33.68
CA GLU B 50 11.23 29.61 -32.79
C GLU B 50 11.60 29.29 -31.34
N GLY B 51 12.87 28.94 -31.07
CA GLY B 51 13.33 28.79 -29.69
C GLY B 51 12.84 27.61 -28.89
N TRP B 52 12.79 26.41 -29.48
CA TRP B 52 12.36 25.23 -28.72
C TRP B 52 13.30 24.06 -28.94
N ILE B 53 13.21 23.10 -28.02
CA ILE B 53 13.86 21.79 -28.12
C ILE B 53 12.80 20.72 -27.92
N GLN B 54 12.90 19.63 -28.68
CA GLN B 54 12.05 18.45 -28.51
C GLN B 54 12.90 17.17 -28.49
N TYR B 55 12.45 16.20 -27.72
CA TYR B 55 13.04 14.87 -27.83
C TYR B 55 11.95 13.83 -27.63
N THR B 56 12.08 12.75 -28.39
CA THR B 56 11.21 11.57 -28.32
C THR B 56 12.09 10.35 -28.15
N VAL B 57 11.73 9.47 -27.21
CA VAL B 57 12.44 8.23 -27.01
C VAL B 57 11.55 7.09 -27.49
N ARG B 58 12.14 6.19 -28.28
CA ARG B 58 11.43 5.03 -28.80
C ARG B 58 12.14 3.76 -28.34
N LEU B 59 11.34 2.81 -27.87
CA LEU B 59 11.77 1.45 -27.61
C LEU B 59 11.10 0.61 -28.68
N HIS B 60 11.90 -0.03 -29.52
CA HIS B 60 11.42 -0.85 -30.63
C HIS B 60 10.45 -0.06 -31.49
N GLU B 61 10.82 1.21 -31.76
CA GLU B 61 10.08 2.11 -32.62
C GLU B 61 8.72 2.48 -32.05
N ASN B 62 8.43 2.10 -30.82
CA ASN B 62 7.27 2.59 -30.08
C ASN B 62 7.69 3.77 -29.21
N GLU B 63 6.96 4.87 -29.32
CA GLU B 63 7.29 6.07 -28.55
C GLU B 63 7.01 5.82 -27.06
N ILE B 64 8.00 6.03 -26.20
CA ILE B 64 7.75 5.90 -24.77
C ILE B 64 7.88 7.25 -24.04
N LEU B 65 8.77 8.13 -24.46
CA LEU B 65 8.89 9.44 -23.85
C LEU B 65 8.91 10.50 -24.94
N HIS B 66 8.18 11.59 -24.71
CA HIS B 66 8.25 12.77 -25.53
C HIS B 66 8.26 13.98 -24.62
N ASN B 67 9.19 14.89 -24.85
CA ASN B 67 9.24 16.12 -24.10
C ASN B 67 9.40 17.29 -25.05
N SER B 68 8.73 18.41 -24.74
CA SER B 68 8.95 19.60 -25.55
C SER B 68 9.17 20.81 -24.65
N ILE B 69 10.19 21.59 -24.96
CA ILE B 69 10.58 22.72 -24.11
C ILE B 69 10.53 23.97 -24.97
N ASP B 70 9.67 24.91 -24.58
CA ASP B 70 9.51 26.21 -25.24
C ASP B 70 10.37 27.24 -24.54
N GLY B 71 10.75 28.29 -25.26
CA GLY B 71 11.53 29.35 -24.65
C GLY B 71 12.99 29.01 -24.38
N VAL B 72 13.65 28.33 -25.31
CA VAL B 72 15.07 28.05 -25.22
C VAL B 72 15.80 29.14 -25.98
N SER B 73 16.72 29.84 -25.31
CA SER B 73 17.58 30.80 -25.98
C SER B 73 18.99 30.30 -26.13
N SER B 74 19.32 29.18 -25.48
CA SER B 74 20.64 28.56 -25.60
C SER B 74 20.61 27.11 -25.16
N PHE B 75 21.45 26.29 -25.77
CA PHE B 75 21.76 25.00 -25.18
C PHE B 75 23.21 24.69 -25.51
N SER B 76 23.79 23.75 -24.78
CA SER B 76 25.22 23.50 -24.88
C SER B 76 25.51 22.00 -24.78
N ILE B 77 26.71 21.62 -25.19
CA ILE B 77 27.23 20.26 -25.01
C ILE B 77 28.30 20.32 -23.94
N ARG B 78 28.12 19.56 -22.87
CA ARG B 78 29.02 19.56 -21.73
C ARG B 78 29.57 18.18 -21.48
N ASN B 79 30.61 18.14 -20.64
CA ASN B 79 31.31 16.91 -20.35
C ASN B 79 31.54 16.82 -18.85
N ASP B 80 31.35 15.62 -18.32
CA ASP B 80 31.84 15.26 -17.00
C ASP B 80 32.50 13.89 -17.13
N ASN B 81 32.86 13.27 -16.01
CA ASN B 81 33.57 12.00 -16.07
C ASN B 81 32.77 10.88 -16.72
N LEU B 82 31.43 10.99 -16.76
CA LEU B 82 30.58 9.97 -17.36
C LEU B 82 30.47 10.10 -18.87
N GLY B 83 30.79 11.24 -19.45
CA GLY B 83 30.76 11.46 -20.88
C GLY B 83 30.11 12.78 -21.20
N ASP B 84 29.78 12.95 -22.48
CA ASP B 84 29.15 14.16 -22.97
C ASP B 84 27.65 14.12 -22.80
N TYR B 85 27.06 15.30 -22.68
CA TYR B 85 25.62 15.45 -22.57
C TYR B 85 25.21 16.80 -23.11
N ILE B 86 24.02 16.84 -23.72
CA ILE B 86 23.37 18.09 -24.10
C ILE B 86 22.78 18.68 -22.82
N TYR B 87 23.01 19.98 -22.60
CA TYR B 87 22.47 20.66 -21.42
C TYR B 87 21.66 21.88 -21.85
N ALA B 88 20.48 22.03 -21.26
CA ALA B 88 19.61 23.18 -21.49
C ALA B 88 18.98 23.59 -20.18
N GLU B 89 18.87 24.90 -19.98
CA GLU B 89 18.39 25.50 -18.74
C GLU B 89 17.46 26.65 -19.13
N ILE B 90 16.28 26.72 -18.50
CA ILE B 90 15.31 27.79 -18.71
C ILE B 90 15.05 28.39 -17.34
N ILE B 91 15.34 29.66 -17.19
CA ILE B 91 15.25 30.32 -15.90
C ILE B 91 14.18 31.41 -16.00
N THR B 92 13.19 31.33 -15.12
CA THR B 92 12.16 32.35 -14.96
C THR B 92 12.15 32.78 -13.51
N LYS B 93 11.33 33.80 -13.20
CA LYS B 93 11.30 34.29 -11.84
C LYS B 93 10.93 33.20 -10.86
N GLU B 94 9.91 32.41 -11.20
CA GLU B 94 9.40 31.44 -10.24
C GLU B 94 9.97 30.05 -10.43
N LEU B 95 10.44 29.72 -11.65
CA LEU B 95 10.73 28.35 -12.05
C LEU B 95 12.11 28.23 -12.70
N ILE B 96 12.76 27.09 -12.47
CA ILE B 96 14.00 26.74 -13.16
C ILE B 96 13.85 25.33 -13.72
N ASN B 97 13.88 25.21 -15.04
CA ASN B 97 13.84 23.93 -15.75
C ASN B 97 15.21 23.57 -16.29
N LYS B 98 15.61 22.29 -16.14
CA LYS B 98 16.86 21.76 -16.68
C LYS B 98 16.64 20.45 -17.42
N ILE B 99 17.38 20.25 -18.51
CA ILE B 99 17.40 18.94 -19.17
C ILE B 99 18.82 18.57 -19.50
N GLU B 100 19.06 17.25 -19.49
CA GLU B 100 20.37 16.70 -19.64
C GLU B 100 20.22 15.40 -20.43
N ILE B 101 20.78 15.37 -21.63
CA ILE B 101 20.59 14.25 -22.53
C ILE B 101 21.95 13.64 -22.83
N ARG B 102 22.08 12.35 -22.52
CA ARG B 102 23.26 11.56 -22.85
C ARG B 102 22.84 10.48 -23.83
N ILE B 103 23.70 10.21 -24.81
CA ILE B 103 23.49 9.08 -25.70
C ILE B 103 24.65 8.09 -25.67
N ARG B 104 25.84 8.50 -25.25
CA ARG B 104 26.98 7.64 -25.05
C ARG B 104 27.55 7.86 -23.66
N PRO B 105 27.87 6.79 -22.95
CA PRO B 105 27.84 5.38 -23.40
C PRO B 105 26.42 4.80 -23.51
N ASP B 106 25.47 5.42 -22.82
CA ASP B 106 24.08 4.99 -22.77
C ASP B 106 23.16 6.17 -23.01
N ILE B 107 21.98 5.87 -23.55
CA ILE B 107 20.91 6.85 -23.69
C ILE B 107 20.30 7.10 -22.32
N LYS B 108 20.32 8.36 -21.88
CA LYS B 108 19.97 8.67 -20.50
C LYS B 108 19.56 10.14 -20.39
N ILE B 109 18.33 10.39 -19.95
CA ILE B 109 17.76 11.73 -19.92
C ILE B 109 17.41 12.07 -18.48
N LYS B 110 17.81 13.25 -18.04
CA LYS B 110 17.58 13.74 -16.68
C LYS B 110 17.01 15.16 -16.78
N SER B 111 15.83 15.37 -16.17
CA SER B 111 15.13 16.65 -16.29
C SER B 111 14.50 17.06 -14.95
N SER B 112 14.33 18.37 -14.76
CA SER B 112 13.79 18.81 -13.49
C SER B 112 13.16 20.20 -13.62
N SER B 113 12.28 20.48 -12.68
CA SER B 113 11.54 21.73 -12.69
C SER B 113 11.39 22.14 -11.23
N VAL B 114 12.09 23.21 -10.82
CA VAL B 114 12.07 23.72 -9.45
C VAL B 114 11.38 25.08 -9.39
N ILE B 115 10.69 25.33 -8.29
CA ILE B 115 10.24 26.67 -7.94
C ILE B 115 11.20 27.26 -6.91
N ALA C 7 23.35 23.41 22.97
CA ALA C 7 23.27 22.05 23.51
C ALA C 7 21.94 21.82 24.23
N GLN C 8 21.44 22.86 24.87
CA GLN C 8 20.17 22.76 25.57
C GLN C 8 19.00 23.10 24.65
N THR C 9 19.16 24.14 23.81
CA THR C 9 18.16 24.48 22.82
C THR C 9 18.09 23.47 21.68
N ILE C 10 19.09 22.58 21.57
CA ILE C 10 19.02 21.45 20.64
C ILE C 10 18.28 20.26 21.26
N ALA C 11 17.79 20.39 22.49
CA ALA C 11 17.04 19.33 23.15
C ALA C 11 15.53 19.51 23.06
N ASN C 12 15.05 20.75 23.03
CA ASN C 12 13.62 21.03 23.04
C ASN C 12 13.09 21.39 21.65
N SER C 13 13.83 21.06 20.60
CA SER C 13 13.55 21.65 19.30
C SER C 13 12.49 20.85 18.53
N VAL C 14 12.14 21.40 17.36
CA VAL C 14 11.19 20.78 16.45
C VAL C 14 11.89 20.06 15.30
N VAL C 15 13.21 20.18 15.18
CA VAL C 15 13.98 19.54 14.11
C VAL C 15 14.54 18.23 14.66
N ASP C 16 14.07 17.09 14.13
CA ASP C 16 14.66 15.80 14.51
C ASP C 16 16.12 15.71 14.04
N ALA C 17 16.90 14.87 14.74
CA ALA C 17 18.31 14.73 14.45
C ALA C 17 18.56 14.28 13.01
N LYS C 18 17.70 13.43 12.47
CA LYS C 18 17.87 12.97 11.09
C LYS C 18 17.57 14.07 10.08
N LYS C 19 16.83 15.10 10.47
CA LYS C 19 16.55 16.17 9.51
C LYS C 19 17.79 17.02 9.22
N PHE C 20 18.86 16.87 9.98
CA PHE C 20 20.04 17.69 9.76
C PHE C 20 20.82 17.27 8.53
N ASP C 21 20.72 16.02 8.09
CA ASP C 21 21.29 15.64 6.80
C ASP C 21 20.63 16.44 5.67
N TYR C 22 19.31 16.63 5.76
CA TYR C 22 18.65 17.45 4.76
C TYR C 22 19.09 18.90 4.86
N LEU C 23 19.22 19.42 6.08
CA LEU C 23 19.48 20.85 6.21
C LEU C 23 20.84 21.23 5.66
N PHE C 24 21.81 20.33 5.72
CA PHE C 24 23.13 20.59 5.19
C PHE C 24 23.35 20.00 3.81
N GLY C 25 22.27 19.71 3.10
CA GLY C 25 22.40 19.27 1.71
C GLY C 25 22.91 17.86 1.56
N LYS C 26 22.63 16.99 2.54
CA LYS C 26 23.12 15.62 2.49
C LYS C 26 22.00 14.60 2.35
N ALA C 27 20.76 15.04 2.12
CA ALA C 27 19.65 14.11 1.90
C ALA C 27 19.63 13.76 0.41
N THR C 28 20.43 12.77 0.06
CA THR C 28 20.49 12.32 -1.32
C THR C 28 19.11 11.85 -1.81
N GLY C 29 18.83 12.13 -3.09
CA GLY C 29 17.49 11.88 -3.61
C GLY C 29 17.21 10.41 -3.89
N ASN C 30 15.94 10.06 -3.82
CA ASN C 30 15.45 8.71 -4.08
C ASN C 30 13.94 8.80 -4.27
N SER C 31 13.26 7.63 -4.29
CA SER C 31 11.84 7.59 -4.62
C SER C 31 11.00 8.45 -3.70
N HIS C 32 11.39 8.59 -2.44
CA HIS C 32 10.61 9.33 -1.46
C HIS C 32 11.24 10.66 -1.10
N THR C 33 12.35 11.02 -1.75
CA THR C 33 13.12 12.19 -1.35
C THR C 33 13.44 13.03 -2.57
N LEU C 34 12.92 14.24 -2.62
CA LEU C 34 13.28 15.16 -3.69
C LEU C 34 14.65 15.77 -3.38
N ASP C 35 15.55 15.72 -4.36
CA ASP C 35 16.94 16.11 -4.13
C ASP C 35 17.07 17.63 -4.12
N ARG C 36 17.42 18.17 -2.97
CA ARG C 36 17.74 19.58 -2.84
C ARG C 36 19.12 19.78 -2.23
N THR C 37 20.04 18.84 -2.49
CA THR C 37 21.32 18.84 -1.79
C THR C 37 22.16 20.06 -2.15
N ASN C 38 22.21 20.43 -3.43
CA ASN C 38 23.00 21.59 -3.82
C ASN C 38 22.41 22.89 -3.27
N GLN C 39 21.09 23.04 -3.33
CA GLN C 39 20.48 24.29 -2.88
C GLN C 39 20.68 24.48 -1.37
N LEU C 40 20.47 23.42 -0.59
CA LEU C 40 20.60 23.55 0.87
C LEU C 40 22.07 23.66 1.28
N ALA C 41 22.96 22.92 0.62
CA ALA C 41 24.38 23.05 0.94
C ALA C 41 24.87 24.46 0.65
N LEU C 42 24.51 25.00 -0.51
CA LEU C 42 24.91 26.36 -0.85
C LEU C 42 24.29 27.36 0.12
N GLU C 43 23.05 27.12 0.53
CA GLU C 43 22.43 28.08 1.43
C GLU C 43 23.10 28.07 2.81
N LYS C 45 26.36 27.35 3.46
CA LYS C 45 27.64 28.03 3.34
C LYS C 45 27.44 29.53 3.26
N ARG C 46 26.44 29.96 2.48
CA ARG C 46 26.14 31.39 2.38
C ARG C 46 25.77 31.97 3.73
N LEU C 47 24.96 31.25 4.51
CA LEU C 47 24.51 31.77 5.79
C LEU C 47 25.58 31.73 6.87
N GLY C 48 26.66 30.99 6.65
CA GLY C 48 27.68 30.89 7.67
C GLY C 48 27.33 29.93 8.77
N VAL C 49 26.48 28.94 8.48
CA VAL C 49 26.09 27.93 9.45
C VAL C 49 26.91 26.68 9.15
N ALA C 50 27.82 26.33 10.07
CA ALA C 50 28.64 25.16 9.90
C ALA C 50 27.90 23.92 10.37
N ASP C 51 28.33 22.76 9.86
CA ASP C 51 27.73 21.48 10.25
C ASP C 51 28.35 20.95 11.54
N ASP C 52 28.34 21.75 12.59
CA ASP C 52 28.84 21.32 13.89
C ASP C 52 27.72 21.42 14.92
N ILE C 53 28.09 21.23 16.19
CA ILE C 53 27.10 21.36 17.26
C ILE C 53 26.55 22.78 17.28
N ASN C 54 27.41 23.77 17.07
CA ASN C 54 26.97 25.17 17.04
C ASN C 54 25.96 25.39 15.91
N GLY C 55 26.30 24.92 14.70
CA GLY C 55 25.41 25.11 13.58
C GLY C 55 24.03 24.51 13.81
N HIS C 56 24.00 23.27 14.31
CA HIS C 56 22.72 22.61 14.55
C HIS C 56 21.89 23.37 15.56
N ALA C 57 22.53 23.91 16.59
CA ALA C 57 21.79 24.61 17.64
C ALA C 57 21.19 25.90 17.11
N VAL C 58 21.91 26.60 16.24
CA VAL C 58 21.39 27.83 15.64
C VAL C 58 20.14 27.52 14.80
N LEU C 59 20.21 26.46 13.99
CA LEU C 59 19.07 26.09 13.17
C LEU C 59 17.92 25.59 14.04
N ALA C 60 18.22 24.68 14.96
CA ALA C 60 17.18 24.15 15.85
C ALA C 60 16.44 25.28 16.54
N GLU C 61 17.18 26.23 17.09
CA GLU C 61 16.55 27.34 17.78
C GLU C 61 15.71 28.16 16.81
N HIS C 62 16.20 28.37 15.59
CA HIS C 62 15.45 29.20 14.65
C HIS C 62 14.11 28.57 14.27
N PHE C 63 14.12 27.30 13.85
CA PHE C 63 12.86 26.67 13.43
C PHE C 63 11.93 26.41 14.60
N THR C 64 12.47 26.23 15.81
CA THR C 64 11.59 26.12 16.97
C THR C 64 10.84 27.41 17.22
N GLN C 65 11.52 28.55 17.10
CA GLN C 65 10.87 29.84 17.28
C GLN C 65 9.85 30.12 16.19
N ALA C 66 10.08 29.61 14.98
CA ALA C 66 9.11 29.79 13.90
C ALA C 66 7.78 29.13 14.20
N THR C 67 7.76 28.07 15.02
CA THR C 67 6.50 27.46 15.41
C THR C 67 5.83 28.24 16.55
N LYS C 68 6.61 28.97 17.34
CA LYS C 68 6.07 29.73 18.47
C LYS C 68 5.39 31.03 18.03
N ASP C 69 5.61 31.48 16.80
CA ASP C 69 4.93 32.65 16.24
C ASP C 69 3.50 32.31 15.87
N SER C 70 2.62 33.30 15.99
CA SER C 70 1.23 33.14 15.56
C SER C 70 0.88 33.88 14.27
N ASN C 71 1.80 34.64 13.70
CA ASN C 71 1.51 35.43 12.51
C ASN C 71 2.18 34.96 11.22
N ASN C 72 2.92 33.85 11.24
CA ASN C 72 3.65 33.41 10.07
C ASN C 72 3.13 32.11 9.46
N ILE C 73 1.90 31.74 9.78
CA ILE C 73 1.34 30.54 9.16
C ILE C 73 0.82 30.94 7.79
N VAL C 74 1.39 30.35 6.74
CA VAL C 74 1.07 30.72 5.38
C VAL C 74 0.06 29.77 4.75
N LYS C 75 0.06 28.53 5.20
CA LYS C 75 -0.87 27.55 4.68
C LYS C 75 -1.08 26.47 5.73
N LYS C 76 -2.32 26.02 5.82
CA LYS C 76 -2.70 24.91 6.67
C LYS C 76 -3.33 23.84 5.78
N TYR C 77 -3.13 22.58 6.14
CA TYR C 77 -3.72 21.47 5.40
C TYR C 77 -3.93 20.27 6.33
N THR C 78 -5.10 19.64 6.21
CA THR C 78 -5.45 18.46 7.00
C THR C 78 -6.13 17.42 6.13
N ASP C 79 -5.69 16.17 6.25
CA ASP C 79 -6.36 15.04 5.63
C ASP C 79 -6.38 13.87 6.62
N GLN C 80 -6.72 12.67 6.13
CA GLN C 80 -6.77 11.50 7.00
C GLN C 80 -5.41 11.20 7.65
N TYR C 81 -4.30 11.69 7.08
CA TYR C 81 -2.99 11.35 7.63
C TYR C 81 -2.60 12.25 8.80
N GLY C 82 -3.02 13.52 8.78
CA GLY C 82 -2.72 14.41 9.89
C GLY C 82 -2.95 15.86 9.51
N SER C 83 -2.42 16.74 10.35
CA SER C 83 -2.53 18.19 10.12
C SER C 83 -1.14 18.78 9.92
N PHE C 84 -1.02 19.65 8.93
CA PHE C 84 0.25 20.23 8.50
C PHE C 84 0.12 21.74 8.37
N GLU C 85 1.28 22.41 8.39
CA GLU C 85 1.39 23.86 8.31
C GLU C 85 2.64 24.24 7.54
N ILE C 86 2.56 25.37 6.83
CA ILE C 86 3.72 26.01 6.23
C ILE C 86 3.93 27.34 6.95
N ARG C 87 5.16 27.64 7.33
CA ARG C 87 5.47 28.86 8.07
C ARG C 87 6.63 29.61 7.44
N GLU C 88 6.50 30.93 7.34
CA GLU C 88 7.59 31.77 6.87
C GLU C 88 8.38 32.29 8.07
N SER C 89 9.70 32.37 7.91
CA SER C 89 10.54 32.88 8.96
C SER C 89 11.77 33.55 8.35
N PHE C 90 12.20 34.64 8.99
CA PHE C 90 13.36 35.42 8.59
C PHE C 90 14.56 34.96 9.40
N PHE C 91 15.71 34.76 8.74
CA PHE C 91 16.88 34.21 9.41
C PHE C 91 18.13 34.94 8.96
N ILE C 92 18.86 35.51 9.92
CA ILE C 92 20.17 36.09 9.68
C ILE C 92 21.18 35.10 10.24
N GLY C 93 22.12 34.68 9.39
CA GLY C 93 23.05 33.63 9.80
C GLY C 93 24.31 34.23 10.38
N PRO C 94 25.19 33.37 10.89
CA PRO C 94 26.45 33.87 11.46
C PRO C 94 27.27 34.70 10.49
N SER C 95 27.14 34.46 9.18
CA SER C 95 27.83 35.29 8.19
C SER C 95 27.22 36.68 8.06
N GLY C 96 26.02 36.89 8.58
CA GLY C 96 25.31 38.14 8.40
C GLY C 96 24.39 38.16 7.20
N LYS C 97 24.53 37.21 6.27
CA LYS C 97 23.59 37.13 5.17
C LYS C 97 22.26 36.58 5.68
N ALA C 98 21.20 36.95 4.99
CA ALA C 98 19.87 36.63 5.46
C ALA C 98 19.14 35.81 4.42
N THR C 99 18.14 35.08 4.88
CA THR C 99 17.32 34.27 4.01
C THR C 99 15.93 34.17 4.60
N VAL C 100 14.99 33.74 3.77
CA VAL C 100 13.63 33.45 4.22
C VAL C 100 13.40 31.96 4.06
N PHE C 101 13.01 31.33 5.16
CA PHE C 101 12.70 29.91 5.16
C PHE C 101 11.19 29.71 5.01
N GLU C 102 10.81 28.90 4.04
CA GLU C 102 9.44 28.43 3.90
C GLU C 102 9.47 26.98 4.39
N SER C 103 9.02 26.76 5.63
CA SER C 103 9.13 25.48 6.30
C SER C 103 7.77 24.82 6.47
N THR C 104 7.74 23.48 6.34
CA THR C 104 6.53 22.70 6.49
C THR C 104 6.61 21.89 7.78
N PHE C 105 5.57 21.98 8.59
CA PHE C 105 5.48 21.24 9.84
C PHE C 105 4.26 20.34 9.85
N GLU C 106 4.36 19.29 10.65
CA GLU C 106 3.18 18.55 11.05
C GLU C 106 2.81 18.99 12.45
N VAL C 107 1.53 19.28 12.65
CA VAL C 107 1.00 19.57 13.96
C VAL C 107 0.55 18.24 14.57
N LYS C 109 -0.79 15.35 17.35
CA LYS C 109 -1.99 15.26 18.19
C LYS C 109 -1.75 15.85 19.58
N ASP C 110 -0.55 15.72 20.11
CA ASP C 110 -0.23 16.33 21.40
C ASP C 110 0.06 17.82 21.29
N GLY C 111 -0.10 18.42 20.10
CA GLY C 111 0.04 19.85 19.94
C GLY C 111 1.41 20.31 19.48
N SER C 112 2.43 19.47 19.62
CA SER C 112 3.79 19.84 19.24
C SER C 112 3.92 19.93 17.73
N HIS C 113 5.03 20.50 17.28
CA HIS C 113 5.30 20.74 15.86
C HIS C 113 6.50 19.91 15.42
N ARG C 114 6.39 19.26 14.27
CA ARG C 114 7.45 18.40 13.74
C ARG C 114 7.95 18.98 12.41
N PHE C 115 9.22 19.40 12.40
CA PHE C 115 9.83 19.89 11.17
C PHE C 115 9.91 18.77 10.16
N ILE C 116 9.40 19.02 8.95
CA ILE C 116 9.46 18.08 7.85
C ILE C 116 10.47 18.50 6.82
N THR C 117 10.35 19.72 6.31
CA THR C 117 11.27 20.21 5.30
C THR C 117 11.23 21.73 5.31
N THR C 118 12.13 22.32 4.54
CA THR C 118 12.19 23.77 4.40
C THR C 118 12.85 24.12 3.09
N ILE C 119 12.50 25.29 2.56
CA ILE C 119 13.10 25.84 1.36
C ILE C 119 13.64 27.24 1.69
N PRO C 120 14.86 27.55 1.32
CA PRO C 120 15.35 28.93 1.49
C PRO C 120 14.88 29.80 0.34
N LYS C 121 14.62 31.07 0.66
CA LYS C 121 14.27 32.07 -0.34
C LYS C 121 15.20 33.27 -0.18
N ASN C 122 16.01 33.54 -1.20
CA ASN C 122 16.91 34.69 -1.18
C ASN C 122 16.36 35.84 -2.02
N GLY C 123 17.04 36.97 -1.94
CA GLY C 123 16.67 38.15 -2.71
C GLY C 123 17.82 38.72 -3.51
N PHE D 2 1.32 21.86 -0.55
CA PHE D 2 0.48 20.67 -0.37
C PHE D 2 -0.18 20.28 -1.67
N ILE D 3 -0.12 18.98 -2.01
CA ILE D 3 -0.96 18.43 -3.07
C ILE D 3 -2.35 18.28 -2.47
N GLU D 4 -3.24 19.22 -2.78
CA GLU D 4 -4.54 19.26 -2.15
C GLU D 4 -5.58 18.45 -2.91
N ASN D 5 -5.41 18.29 -4.22
CA ASN D 5 -6.34 17.52 -5.02
C ASN D 5 -5.56 16.42 -5.72
N LYS D 6 -5.73 15.19 -5.26
CA LYS D 6 -5.07 14.04 -5.84
C LYS D 6 -6.11 12.94 -5.97
N PRO D 7 -5.89 11.97 -6.84
CA PRO D 7 -6.75 10.78 -6.84
C PRO D 7 -6.67 10.09 -5.48
N GLY D 8 -7.81 9.56 -5.03
CA GLY D 8 -7.83 8.76 -3.82
C GLY D 8 -7.02 7.49 -3.96
N GLU D 9 -6.65 6.91 -2.82
CA GLU D 9 -5.81 5.72 -2.85
C GLU D 9 -6.45 4.57 -3.64
N ILE D 10 -7.79 4.47 -3.65
CA ILE D 10 -8.43 3.39 -4.40
C ILE D 10 -8.32 3.61 -5.91
N GLU D 11 -8.50 4.85 -6.38
CA GLU D 11 -8.36 5.11 -7.80
C GLU D 11 -6.95 4.77 -8.27
N LEU D 12 -5.93 5.19 -7.51
CA LEU D 12 -4.54 4.86 -7.84
C LEU D 12 -4.30 3.36 -7.79
N LEU D 13 -4.95 2.66 -6.85
CA LEU D 13 -4.88 1.21 -6.84
C LEU D 13 -5.37 0.64 -8.16
N SER D 14 -6.48 1.16 -8.67
CA SER D 14 -7.03 0.70 -9.95
C SER D 14 -6.09 1.03 -11.10
N PHE D 15 -5.58 2.27 -11.14
CA PHE D 15 -4.73 2.72 -12.25
C PHE D 15 -3.46 1.87 -12.36
N PHE D 16 -2.81 1.57 -11.23
CA PHE D 16 -1.58 0.80 -11.25
C PHE D 16 -1.80 -0.69 -11.07
N GLU D 17 -3.03 -1.13 -10.79
CA GLU D 17 -3.30 -2.54 -10.58
C GLU D 17 -2.37 -3.15 -9.56
N SER D 18 -1.99 -2.34 -8.57
CA SER D 18 -1.10 -2.78 -7.50
C SER D 18 -1.14 -1.77 -6.39
N GLU D 19 -0.95 -2.26 -5.17
CA GLU D 19 -0.80 -1.36 -4.04
C GLU D 19 0.46 -0.54 -4.24
N PRO D 20 0.65 0.54 -3.48
CA PRO D 20 1.93 1.23 -3.50
C PRO D 20 3.06 0.26 -3.18
N VAL D 21 4.19 0.45 -3.84
CA VAL D 21 5.38 -0.28 -3.46
C VAL D 21 5.82 0.11 -2.04
N SER D 22 5.75 1.40 -1.71
CA SER D 22 6.19 1.86 -0.40
C SER D 22 5.53 3.19 -0.06
N PHE D 23 5.42 3.44 1.23
CA PHE D 23 4.86 4.66 1.78
C PHE D 23 5.79 5.21 2.87
N GLU D 24 5.99 6.53 2.84
CA GLU D 24 6.81 7.22 3.84
C GLU D 24 5.93 8.18 4.62
N ARG D 25 5.75 7.90 5.92
CA ARG D 25 4.90 8.74 6.77
C ARG D 25 5.50 10.14 6.96
N ASP D 26 6.83 10.25 6.97
CA ASP D 26 7.48 11.53 7.28
C ASP D 26 6.94 12.66 6.42
N ASN D 27 6.74 12.40 5.12
CA ASN D 27 6.30 13.42 4.17
C ASN D 27 5.12 12.93 3.31
N ILE D 28 4.33 11.97 3.82
CA ILE D 28 3.17 11.41 3.11
C ILE D 28 3.51 11.17 1.64
N SER D 29 4.50 10.32 1.39
CA SER D 29 4.91 10.09 0.02
C SER D 29 4.77 8.61 -0.33
N PHE D 30 4.26 8.39 -1.54
CA PHE D 30 3.90 7.08 -2.05
C PHE D 30 4.75 6.80 -3.28
N LEU D 31 5.10 5.54 -3.50
CA LEU D 31 5.74 5.09 -4.74
C LEU D 31 4.91 3.99 -5.39
N TYR D 32 4.55 4.16 -6.66
CA TYR D 32 3.92 3.12 -7.45
C TYR D 32 4.85 2.71 -8.59
N THR D 33 4.66 1.48 -9.08
CA THR D 33 5.48 0.88 -10.13
C THR D 33 4.57 0.21 -11.14
N ALA D 34 4.97 0.23 -12.42
CA ALA D 34 4.31 -0.54 -13.46
C ALA D 34 5.37 -1.06 -14.42
N LYS D 35 5.10 -2.25 -15.00
CA LYS D 35 5.96 -2.87 -16.02
C LYS D 35 5.16 -3.32 -17.23
N ASN D 36 5.84 -3.38 -18.39
CA ASN D 36 5.36 -4.09 -19.57
C ASN D 36 6.18 -5.36 -19.75
N LYS D 37 5.86 -6.13 -20.79
CA LYS D 37 6.48 -7.43 -21.04
C LYS D 37 7.81 -7.33 -21.79
N CYS D 38 8.36 -6.13 -21.95
CA CYS D 38 9.66 -5.96 -22.59
C CYS D 38 10.69 -5.37 -21.65
N GLY D 39 10.40 -5.36 -20.35
CA GLY D 39 11.34 -4.88 -19.37
C GLY D 39 11.26 -3.41 -19.05
N LEU D 40 10.28 -2.71 -19.60
CA LEU D 40 10.14 -1.28 -19.37
C LEU D 40 9.28 -1.07 -18.14
N SER D 41 9.79 -0.28 -17.20
CA SER D 41 9.03 0.01 -16.00
C SER D 41 9.06 1.51 -15.72
N VAL D 42 8.13 1.94 -14.89
CA VAL D 42 8.07 3.34 -14.51
C VAL D 42 7.80 3.39 -13.01
N ASP D 43 8.57 4.20 -12.29
CA ASP D 43 8.37 4.45 -10.87
C ASP D 43 7.73 5.82 -10.72
N PHE D 44 6.56 5.87 -10.11
CA PHE D 44 5.86 7.12 -9.92
C PHE D 44 5.73 7.39 -8.42
N SER D 45 6.15 8.57 -7.98
CA SER D 45 6.05 8.91 -6.57
C SER D 45 5.75 10.38 -6.40
N PHE D 46 5.20 10.71 -5.23
CA PHE D 46 4.77 12.09 -4.96
C PHE D 46 4.66 12.25 -3.45
N SER D 47 4.78 13.49 -2.99
CA SER D 47 4.66 13.83 -1.58
C SER D 47 3.47 14.75 -1.39
N VAL D 48 2.48 14.28 -0.61
CA VAL D 48 1.30 15.12 -0.42
C VAL D 48 1.68 16.40 0.33
N VAL D 49 2.60 16.31 1.29
CA VAL D 49 2.90 17.47 2.12
C VAL D 49 4.07 18.31 1.63
N GLU D 50 4.93 17.79 0.77
CA GLU D 50 5.99 18.59 0.16
C GLU D 50 5.71 18.99 -1.30
N GLY D 51 4.68 18.44 -1.93
CA GLY D 51 4.24 18.95 -3.22
C GLY D 51 5.13 18.72 -4.42
N TRP D 52 5.66 17.52 -4.57
CA TRP D 52 6.47 17.19 -5.73
C TRP D 52 5.98 15.87 -6.32
N ILE D 53 6.30 15.68 -7.60
CA ILE D 53 6.11 14.42 -8.32
C ILE D 53 7.47 14.04 -8.91
N GLN D 54 7.79 12.75 -8.90
CA GLN D 54 8.97 12.22 -9.54
C GLN D 54 8.60 10.99 -10.34
N TYR D 55 9.29 10.79 -11.46
CA TYR D 55 9.18 9.52 -12.14
C TYR D 55 10.52 9.12 -12.74
N THR D 56 10.79 7.82 -12.69
CA THR D 56 11.97 7.21 -13.29
C THR D 56 11.47 6.16 -14.26
N VAL D 57 12.04 6.13 -15.45
CA VAL D 57 11.73 5.09 -16.41
C VAL D 57 12.94 4.19 -16.51
N ARG D 58 12.71 2.89 -16.36
CA ARG D 58 13.79 1.91 -16.38
C ARG D 58 13.56 0.88 -17.47
N LEU D 59 14.61 0.56 -18.19
CA LEU D 59 14.61 -0.55 -19.10
C LEU D 59 15.49 -1.60 -18.43
N HIS D 60 14.85 -2.62 -17.85
CA HIS D 60 15.54 -3.72 -17.15
C HIS D 60 16.50 -3.25 -16.07
N GLU D 61 15.93 -2.48 -15.14
CA GLU D 61 16.56 -1.97 -13.92
C GLU D 61 17.61 -0.91 -14.21
N ASN D 62 17.76 -0.50 -15.46
CA ASN D 62 18.60 0.63 -15.83
C ASN D 62 17.76 1.88 -16.03
N GLU D 63 18.14 2.96 -15.36
CA GLU D 63 17.42 4.23 -15.47
C GLU D 63 17.72 4.90 -16.81
N ILE D 64 16.67 5.22 -17.56
CA ILE D 64 16.87 5.89 -18.84
C ILE D 64 16.27 7.30 -18.79
N LEU D 65 15.18 7.47 -18.05
CA LEU D 65 14.62 8.79 -17.84
C LEU D 65 14.38 9.02 -16.36
N HIS D 66 14.72 10.23 -15.89
CA HIS D 66 14.30 10.66 -14.58
C HIS D 66 13.88 12.12 -14.63
N ASN D 67 12.69 12.40 -14.12
CA ASN D 67 12.15 13.74 -14.03
C ASN D 67 11.59 14.00 -12.65
N SER D 68 11.76 15.23 -12.17
CA SER D 68 11.13 15.67 -10.92
C SER D 68 10.53 17.05 -11.12
N ILE D 69 9.33 17.25 -10.58
CA ILE D 69 8.58 18.49 -10.72
C ILE D 69 8.29 19.01 -9.33
N ASP D 70 8.70 20.24 -9.07
CA ASP D 70 8.41 20.92 -7.80
C ASP D 70 7.12 21.72 -7.93
N GLY D 71 6.48 21.92 -6.79
CA GLY D 71 5.33 22.80 -6.74
C GLY D 71 4.05 22.30 -7.38
N VAL D 72 3.72 21.02 -7.23
CA VAL D 72 2.45 20.52 -7.72
C VAL D 72 1.46 20.60 -6.58
N SER D 73 0.32 21.24 -6.84
CA SER D 73 -0.79 21.34 -5.91
C SER D 73 -1.94 20.40 -6.25
N SER D 74 -1.89 19.75 -7.42
CA SER D 74 -2.94 18.81 -7.79
C SER D 74 -2.43 17.92 -8.90
N PHE D 75 -2.94 16.69 -8.94
CA PHE D 75 -2.87 15.87 -10.14
C PHE D 75 -4.12 15.00 -10.18
N SER D 76 -4.37 14.41 -11.34
CA SER D 76 -5.62 13.69 -11.54
C SER D 76 -5.38 12.46 -12.41
N ILE D 77 -6.37 11.60 -12.42
CA ILE D 77 -6.44 10.51 -13.39
C ILE D 77 -7.56 10.86 -14.35
N ARG D 78 -7.24 10.92 -15.63
CA ARG D 78 -8.18 11.29 -16.66
C ARG D 78 -8.33 10.16 -17.66
N ASN D 79 -9.31 10.28 -18.54
CA ASN D 79 -9.56 9.26 -19.55
C ASN D 79 -9.81 9.94 -20.88
N ASP D 80 -9.27 9.36 -21.94
CA ASP D 80 -9.69 9.71 -23.29
C ASP D 80 -9.91 8.40 -24.05
N ASN D 81 -10.15 8.45 -25.36
CA ASN D 81 -10.41 7.21 -26.10
C ASN D 81 -9.22 6.27 -26.02
N LEU D 82 -8.04 6.79 -25.69
CA LEU D 82 -6.86 5.97 -25.59
C LEU D 82 -6.78 5.21 -24.28
N GLY D 83 -7.45 5.68 -23.23
CA GLY D 83 -7.43 5.01 -21.94
C GLY D 83 -7.19 6.00 -20.82
N ASP D 84 -6.80 5.49 -19.66
CA ASP D 84 -6.52 6.37 -18.53
C ASP D 84 -5.10 6.90 -18.60
N TYR D 85 -4.90 8.07 -18.00
CA TYR D 85 -3.59 8.66 -17.84
C TYR D 85 -3.59 9.54 -16.61
N ILE D 86 -2.43 9.60 -15.97
CA ILE D 86 -2.20 10.56 -14.91
C ILE D 86 -1.84 11.91 -15.53
N TYR D 87 -2.48 12.97 -15.03
CA TYR D 87 -2.32 14.30 -15.58
C TYR D 87 -1.92 15.25 -14.47
N ALA D 88 -0.91 16.08 -14.73
CA ALA D 88 -0.57 17.13 -13.79
C ALA D 88 -0.17 18.38 -14.56
N GLU D 89 -0.56 19.52 -14.01
CA GLU D 89 -0.34 20.82 -14.63
C GLU D 89 0.16 21.76 -13.54
N ILE D 90 1.28 22.42 -13.80
CA ILE D 90 1.91 23.37 -12.90
C ILE D 90 1.98 24.70 -13.62
N ILE D 91 1.33 25.72 -13.05
CA ILE D 91 1.19 27.03 -13.68
C ILE D 91 1.87 28.09 -12.83
N THR D 92 2.82 28.79 -13.43
CA THR D 92 3.44 29.96 -12.83
C THR D 92 3.25 31.12 -13.80
N LYS D 93 3.69 32.31 -13.38
CA LYS D 93 3.41 33.52 -14.15
C LYS D 93 3.98 33.42 -15.55
N GLU D 94 5.20 32.91 -15.69
CA GLU D 94 5.86 32.88 -17.00
C GLU D 94 5.74 31.55 -17.72
N LEU D 95 5.58 30.45 -16.98
CA LEU D 95 5.76 29.13 -17.54
C LEU D 95 4.66 28.20 -17.09
N ILE D 96 4.34 27.24 -17.95
CA ILE D 96 3.40 26.17 -17.66
C ILE D 96 4.08 24.83 -17.95
N ASN D 97 4.19 24.00 -16.94
CA ASN D 97 4.68 22.63 -17.11
C ASN D 97 3.51 21.64 -17.07
N LYS D 98 3.53 20.67 -17.99
CA LYS D 98 2.54 19.60 -18.03
C LYS D 98 3.18 18.22 -18.13
N ILE D 99 2.55 17.24 -17.48
CA ILE D 99 2.95 15.85 -17.63
C ILE D 99 1.71 15.00 -17.81
N GLU D 100 1.92 13.90 -18.55
CA GLU D 100 0.88 12.96 -18.94
C GLU D 100 1.55 11.59 -18.91
N ILE D 101 1.05 10.70 -18.06
CA ILE D 101 1.66 9.38 -17.88
C ILE D 101 0.61 8.32 -18.16
N ARG D 102 0.91 7.44 -19.12
CA ARG D 102 0.06 6.29 -19.41
C ARG D 102 0.82 5.02 -19.08
N ILE D 103 0.14 4.02 -18.53
CA ILE D 103 0.73 2.70 -18.36
C ILE D 103 -0.01 1.61 -19.11
N ARG D 104 -1.28 1.79 -19.44
CA ARG D 104 -1.99 0.82 -20.25
C ARG D 104 -2.76 1.52 -21.37
N PRO D 105 -2.74 0.97 -22.58
CA PRO D 105 -2.12 -0.34 -22.91
C PRO D 105 -0.58 -0.32 -22.93
N ASP D 106 0.03 0.86 -23.07
CA ASP D 106 1.48 0.98 -23.09
C ASP D 106 1.96 2.09 -22.17
N ILE D 107 3.21 1.94 -21.72
CA ILE D 107 3.86 2.99 -20.96
C ILE D 107 4.24 4.12 -21.90
N LYS D 108 3.75 5.32 -21.64
CA LYS D 108 3.98 6.42 -22.55
C LYS D 108 3.89 7.71 -21.74
N ILE D 109 4.98 8.46 -21.74
CA ILE D 109 5.09 9.68 -20.96
C ILE D 109 5.29 10.84 -21.92
N LYS D 110 4.47 11.88 -21.75
CA LYS D 110 4.48 13.06 -22.58
C LYS D 110 4.50 14.26 -21.65
N SER D 111 5.49 15.13 -21.80
CA SER D 111 5.64 16.28 -20.91
C SER D 111 5.97 17.53 -21.73
N SER D 112 5.62 18.69 -21.17
CA SER D 112 5.90 19.92 -21.92
C SER D 112 6.01 21.12 -21.00
N SER D 113 6.64 22.16 -21.53
CA SER D 113 6.86 23.42 -20.80
C SER D 113 6.60 24.54 -21.79
N VAL D 114 5.47 25.21 -21.63
CA VAL D 114 4.97 26.21 -22.56
C VAL D 114 5.12 27.59 -21.94
N ILE D 115 5.43 28.54 -22.77
CA ILE D 115 5.68 29.88 -22.26
C ILE D 115 4.41 30.71 -22.41
N ARG D 116 4.21 31.62 -21.47
CA ARG D 116 3.08 32.54 -21.53
C ARG D 116 3.48 33.86 -20.94
N THR E 5 -23.70 -27.87 -26.27
CA THR E 5 -24.37 -26.82 -25.52
C THR E 5 -23.89 -26.80 -24.07
N THR E 6 -23.44 -27.95 -23.57
CA THR E 6 -23.03 -28.04 -22.17
C THR E 6 -21.92 -27.04 -21.85
N ALA E 7 -20.91 -26.95 -22.72
CA ALA E 7 -19.87 -25.95 -22.56
C ALA E 7 -20.43 -24.52 -22.68
N GLN E 8 -21.51 -24.35 -23.44
CA GLN E 8 -22.10 -23.03 -23.61
C GLN E 8 -22.91 -22.61 -22.37
N THR E 9 -23.67 -23.54 -21.79
CA THR E 9 -24.41 -23.25 -20.56
C THR E 9 -23.49 -22.95 -19.39
N ILE E 10 -22.24 -23.43 -19.44
CA ILE E 10 -21.24 -23.06 -18.44
C ILE E 10 -20.93 -21.56 -18.52
N ALA E 11 -20.69 -21.06 -19.74
CA ALA E 11 -20.35 -19.64 -19.89
C ALA E 11 -21.48 -18.75 -19.44
N ASN E 12 -22.73 -19.21 -19.57
CA ASN E 12 -23.90 -18.45 -19.16
C ASN E 12 -24.20 -18.57 -17.66
N SER E 13 -23.35 -19.25 -16.90
CA SER E 13 -23.58 -19.49 -15.49
C SER E 13 -22.99 -18.36 -14.66
N VAL E 14 -23.14 -18.49 -13.34
CA VAL E 14 -22.57 -17.50 -12.42
C VAL E 14 -21.22 -17.94 -11.92
N VAL E 15 -20.80 -19.17 -12.23
CA VAL E 15 -19.52 -19.71 -11.79
C VAL E 15 -18.50 -19.47 -12.89
N ASP E 16 -17.55 -18.57 -12.62
CA ASP E 16 -16.47 -18.28 -13.54
C ASP E 16 -15.62 -19.53 -13.75
N ALA E 17 -14.95 -19.58 -14.91
CA ALA E 17 -14.11 -20.74 -15.23
C ALA E 17 -13.01 -20.95 -14.20
N LYS E 18 -12.48 -19.87 -13.62
CA LYS E 18 -11.41 -19.98 -12.62
C LYS E 18 -11.91 -20.57 -11.30
N LYS E 19 -13.20 -20.43 -11.00
CA LYS E 19 -13.73 -20.90 -9.72
C LYS E 19 -13.83 -22.41 -9.62
N PHE E 20 -13.68 -23.14 -10.73
CA PHE E 20 -13.86 -24.58 -10.67
C PHE E 20 -12.69 -25.28 -10.01
N ASP E 21 -11.50 -24.66 -10.00
CA ASP E 21 -10.41 -25.23 -9.21
C ASP E 21 -10.76 -25.25 -7.74
N TYR E 22 -11.37 -24.19 -7.23
CA TYR E 22 -11.79 -24.19 -5.84
C TYR E 22 -12.87 -25.24 -5.58
N LEU E 23 -13.82 -25.38 -6.50
CA LEU E 23 -14.95 -26.26 -6.25
C LEU E 23 -14.51 -27.72 -6.17
N PHE E 24 -13.47 -28.09 -6.92
CA PHE E 24 -12.98 -29.46 -6.89
C PHE E 24 -11.75 -29.62 -6.00
N GLY E 25 -11.53 -28.67 -5.09
CA GLY E 25 -10.51 -28.83 -4.08
C GLY E 25 -9.10 -28.68 -4.58
N LYS E 26 -8.89 -27.85 -5.62
CA LYS E 26 -7.56 -27.62 -6.15
C LYS E 26 -7.08 -26.18 -6.01
N ALA E 27 -7.82 -25.33 -5.30
CA ALA E 27 -7.37 -23.96 -5.04
C ALA E 27 -6.44 -23.97 -3.84
N THR E 28 -5.17 -24.26 -4.09
CA THR E 28 -4.17 -24.28 -3.03
C THR E 28 -4.12 -22.96 -2.28
N GLY E 29 -3.89 -23.04 -0.97
CA GLY E 29 -3.95 -21.86 -0.13
C GLY E 29 -2.71 -20.95 -0.24
N ASN E 30 -2.94 -19.68 0.08
CA ASN E 30 -1.92 -18.62 0.12
C ASN E 30 -2.50 -17.42 0.88
N SER E 31 -1.76 -16.29 0.84
CA SER E 31 -2.14 -15.15 1.67
C SER E 31 -3.52 -14.62 1.31
N HIS E 32 -3.97 -14.79 0.05
CA HIS E 32 -5.28 -14.32 -0.35
C HIS E 32 -6.29 -15.44 -0.51
N THR E 33 -5.90 -16.69 -0.24
CA THR E 33 -6.75 -17.85 -0.49
C THR E 33 -6.73 -18.73 0.74
N LEU E 34 -7.90 -18.89 1.36
CA LEU E 34 -8.04 -19.82 2.47
C LEU E 34 -8.17 -21.25 1.94
N ASP E 35 -7.38 -22.16 2.49
CA ASP E 35 -7.30 -23.51 1.95
C ASP E 35 -8.50 -24.34 2.40
N ARG E 36 -9.37 -24.68 1.47
CA ARG E 36 -10.45 -25.62 1.76
C ARG E 36 -10.38 -26.81 0.80
N THR E 37 -9.16 -27.13 0.35
CA THR E 37 -8.97 -28.10 -0.71
C THR E 37 -9.43 -29.49 -0.31
N ASN E 38 -9.08 -29.93 0.90
CA ASN E 38 -9.49 -31.25 1.34
C ASN E 38 -11.00 -31.30 1.53
N GLN E 39 -11.57 -30.24 2.10
CA GLN E 39 -13.01 -30.25 2.35
C GLN E 39 -13.78 -30.30 1.05
N LEU E 40 -13.39 -29.51 0.05
CA LEU E 40 -14.17 -29.47 -1.19
C LEU E 40 -13.97 -30.72 -2.01
N ALA E 41 -12.75 -31.23 -2.05
CA ALA E 41 -12.49 -32.45 -2.81
C ALA E 41 -13.31 -33.61 -2.26
N LEU E 42 -13.36 -33.76 -0.94
CA LEU E 42 -14.11 -34.86 -0.36
C LEU E 42 -15.59 -34.72 -0.64
N GLU E 43 -16.09 -33.49 -0.61
CA GLU E 43 -17.52 -33.28 -0.81
C GLU E 43 -17.92 -33.61 -2.24
N LYS E 45 -16.45 -35.85 -4.13
CA LYS E 45 -16.44 -37.30 -4.11
C LYS E 45 -17.72 -37.85 -3.48
N ARG E 46 -18.13 -37.30 -2.34
CA ARG E 46 -19.33 -37.75 -1.66
C ARG E 46 -20.56 -37.53 -2.52
N LEU E 47 -20.64 -36.38 -3.18
CA LEU E 47 -21.79 -36.06 -4.01
C LEU E 47 -21.76 -36.79 -5.33
N GLY E 48 -20.62 -37.34 -5.72
CA GLY E 48 -20.54 -38.01 -7.00
C GLY E 48 -20.42 -37.06 -8.17
N VAL E 49 -19.84 -35.88 -7.96
CA VAL E 49 -19.63 -34.90 -9.03
C VAL E 49 -18.17 -35.00 -9.43
N ALA E 50 -17.92 -35.44 -10.65
CA ALA E 50 -16.56 -35.55 -11.16
C ALA E 50 -16.10 -34.23 -11.76
N ASP E 51 -14.79 -34.05 -11.80
CA ASP E 51 -14.16 -32.87 -12.39
C ASP E 51 -14.04 -33.03 -13.92
N ASP E 52 -15.19 -33.24 -14.57
CA ASP E 52 -15.25 -33.30 -16.02
C ASP E 52 -16.22 -32.24 -16.53
N ILE E 53 -16.52 -32.30 -17.83
CA ILE E 53 -17.44 -31.32 -18.41
C ILE E 53 -18.82 -31.45 -17.79
N ASN E 54 -19.31 -32.68 -17.60
CA ASN E 54 -20.62 -32.88 -16.97
C ASN E 54 -20.65 -32.36 -15.54
N GLY E 55 -19.63 -32.69 -14.75
CA GLY E 55 -19.58 -32.21 -13.38
C GLY E 55 -19.68 -30.70 -13.30
N HIS E 56 -18.97 -30.00 -14.21
CA HIS E 56 -19.03 -28.54 -14.23
C HIS E 56 -20.44 -28.07 -14.54
N ALA E 57 -21.14 -28.75 -15.44
CA ALA E 57 -22.46 -28.28 -15.79
C ALA E 57 -23.41 -28.44 -14.62
N VAL E 58 -23.27 -29.53 -13.86
CA VAL E 58 -24.12 -29.76 -12.70
C VAL E 58 -23.92 -28.65 -11.67
N LEU E 59 -22.67 -28.29 -11.41
CA LEU E 59 -22.39 -27.24 -10.43
C LEU E 59 -22.82 -25.88 -10.96
N ALA E 60 -22.39 -25.55 -12.18
CA ALA E 60 -22.73 -24.28 -12.77
C ALA E 60 -24.23 -24.06 -12.74
N GLU E 61 -24.99 -25.06 -13.17
CA GLU E 61 -26.45 -24.92 -13.18
C GLU E 61 -26.98 -24.74 -11.75
N HIS E 62 -26.45 -25.47 -10.79
CA HIS E 62 -26.97 -25.41 -9.43
C HIS E 62 -26.75 -24.03 -8.81
N PHE E 63 -25.53 -23.49 -8.90
CA PHE E 63 -25.29 -22.19 -8.30
C PHE E 63 -25.96 -21.07 -9.08
N THR E 64 -26.16 -21.24 -10.39
CA THR E 64 -26.92 -20.24 -11.13
C THR E 64 -28.38 -20.23 -10.68
N GLN E 65 -28.96 -21.41 -10.48
CA GLN E 65 -30.35 -21.49 -10.05
C GLN E 65 -30.51 -20.97 -8.63
N ALA E 66 -29.46 -21.12 -7.80
CA ALA E 66 -29.52 -20.59 -6.44
C ALA E 66 -29.63 -19.07 -6.43
N THR E 67 -29.11 -18.41 -7.49
CA THR E 67 -29.22 -16.97 -7.63
C THR E 67 -30.57 -16.52 -8.17
N LYS E 68 -31.32 -17.38 -8.85
CA LYS E 68 -32.58 -16.92 -9.41
C LYS E 68 -33.62 -16.71 -8.32
N ASP E 69 -33.45 -17.38 -7.19
CA ASP E 69 -34.30 -17.23 -6.03
C ASP E 69 -33.84 -16.04 -5.18
N SER E 70 -34.81 -15.34 -4.59
CA SER E 70 -34.51 -14.33 -3.59
C SER E 70 -34.90 -14.79 -2.19
N ASN E 71 -35.42 -16.02 -2.03
CA ASN E 71 -35.88 -16.47 -0.72
C ASN E 71 -34.83 -17.26 0.04
N ASN E 72 -33.61 -17.38 -0.51
CA ASN E 72 -32.52 -18.07 0.15
C ASN E 72 -31.38 -17.12 0.49
N ILE E 73 -31.61 -15.82 0.46
CA ILE E 73 -30.57 -14.85 0.81
C ILE E 73 -30.56 -14.73 2.33
N VAL E 74 -29.43 -15.08 2.94
CA VAL E 74 -29.33 -15.03 4.40
C VAL E 74 -28.54 -13.82 4.91
N LYS E 75 -27.71 -13.20 4.09
CA LYS E 75 -26.95 -12.06 4.57
C LYS E 75 -26.59 -11.14 3.41
N LYS E 76 -26.65 -9.83 3.65
CA LYS E 76 -26.23 -8.84 2.66
C LYS E 76 -25.12 -7.98 3.26
N TYR E 77 -24.23 -7.48 2.42
CA TYR E 77 -23.15 -6.60 2.84
C TYR E 77 -22.74 -5.68 1.70
N THR E 78 -22.42 -4.43 2.05
CA THR E 78 -22.00 -3.43 1.09
C THR E 78 -20.81 -2.65 1.63
N ASP E 79 -19.75 -2.50 0.84
CA ASP E 79 -18.69 -1.58 1.23
C ASP E 79 -18.27 -0.75 0.02
N GLN E 80 -17.16 -0.02 0.13
CA GLN E 80 -16.75 0.84 -0.96
C GLN E 80 -16.48 0.06 -2.24
N TYR E 81 -16.20 -1.23 -2.15
CA TYR E 81 -15.85 -2.02 -3.32
C TYR E 81 -17.05 -2.56 -4.07
N GLY E 82 -18.14 -2.91 -3.39
CA GLY E 82 -19.31 -3.44 -4.10
C GLY E 82 -20.33 -4.04 -3.15
N SER E 83 -21.21 -4.86 -3.73
CA SER E 83 -22.33 -5.50 -3.04
C SER E 83 -22.22 -7.02 -3.05
N PHE E 84 -22.46 -7.65 -1.90
CA PHE E 84 -22.29 -9.09 -1.77
C PHE E 84 -23.45 -9.65 -0.98
N GLU E 85 -23.69 -10.95 -1.16
CA GLU E 85 -24.77 -11.61 -0.45
C GLU E 85 -24.40 -13.09 -0.27
N ILE E 86 -24.95 -13.69 0.79
CA ILE E 86 -24.80 -15.11 1.05
C ILE E 86 -26.13 -15.80 0.82
N ARG E 87 -26.09 -16.95 0.16
CA ARG E 87 -27.27 -17.73 -0.19
C ARG E 87 -27.09 -19.17 0.27
N GLU E 88 -28.13 -19.75 0.84
CA GLU E 88 -28.13 -21.17 1.17
C GLU E 88 -28.92 -21.93 0.10
N SER E 89 -28.41 -23.09 -0.31
CA SER E 89 -29.05 -23.86 -1.38
C SER E 89 -28.92 -25.36 -1.10
N PHE E 90 -29.98 -26.10 -1.42
CA PHE E 90 -29.99 -27.53 -1.17
C PHE E 90 -29.65 -28.27 -2.46
N PHE E 91 -28.78 -29.28 -2.36
CA PHE E 91 -28.27 -29.96 -3.54
C PHE E 91 -28.18 -31.48 -3.32
N ILE E 92 -28.80 -32.25 -4.21
CA ILE E 92 -28.59 -33.69 -4.27
C ILE E 92 -27.76 -33.98 -5.50
N GLY E 93 -26.66 -34.72 -5.32
CA GLY E 93 -25.75 -34.97 -6.39
C GLY E 93 -26.04 -36.28 -7.12
N PRO E 94 -25.29 -36.53 -8.19
CA PRO E 94 -25.50 -37.78 -8.94
C PRO E 94 -25.41 -39.02 -8.06
N SER E 95 -24.64 -38.97 -6.98
CA SER E 95 -24.55 -40.09 -6.05
C SER E 95 -25.80 -40.29 -5.20
N GLY E 96 -26.70 -39.31 -5.13
CA GLY E 96 -27.82 -39.40 -4.20
C GLY E 96 -27.56 -38.79 -2.84
N LYS E 97 -26.30 -38.49 -2.50
CA LYS E 97 -26.00 -37.80 -1.26
C LYS E 97 -26.39 -36.34 -1.39
N ALA E 98 -26.70 -35.71 -0.27
CA ALA E 98 -27.22 -34.35 -0.26
C ALA E 98 -26.33 -33.45 0.57
N THR E 99 -26.36 -32.16 0.24
CA THR E 99 -25.63 -31.17 1.01
C THR E 99 -26.33 -29.84 0.86
N VAL E 100 -26.00 -28.92 1.77
CA VAL E 100 -26.46 -27.55 1.75
C VAL E 100 -25.26 -26.66 1.46
N PHE E 101 -25.36 -25.84 0.41
CA PHE E 101 -24.30 -24.92 0.04
C PHE E 101 -24.57 -23.52 0.60
N GLU E 102 -23.61 -23.01 1.36
CA GLU E 102 -23.60 -21.61 1.79
C GLU E 102 -22.63 -20.90 0.86
N SER E 103 -23.16 -20.18 -0.12
CA SER E 103 -22.39 -19.56 -1.18
C SER E 103 -22.43 -18.05 -1.09
N THR E 104 -21.32 -17.41 -1.45
CA THR E 104 -21.17 -15.98 -1.47
C THR E 104 -21.08 -15.52 -2.91
N PHE E 105 -21.89 -14.54 -3.27
CA PHE E 105 -21.89 -13.96 -4.60
C PHE E 105 -21.59 -12.48 -4.47
N GLU E 106 -21.04 -11.91 -5.53
CA GLU E 106 -21.06 -10.47 -5.72
C GLU E 106 -22.18 -10.15 -6.70
N VAL E 107 -23.05 -9.22 -6.34
CA VAL E 107 -24.12 -8.77 -7.23
C VAL E 107 -23.60 -7.56 -8.00
N LYS E 109 -23.19 -4.37 -10.82
CA LYS E 109 -24.02 -3.21 -11.17
C LYS E 109 -25.03 -3.56 -12.26
N ASP E 110 -24.67 -4.45 -13.19
CA ASP E 110 -25.62 -4.86 -14.21
C ASP E 110 -26.63 -5.88 -13.71
N GLY E 111 -26.62 -6.22 -12.42
CA GLY E 111 -27.60 -7.10 -11.85
C GLY E 111 -27.24 -8.57 -11.81
N SER E 112 -26.26 -9.01 -12.59
CA SER E 112 -25.91 -10.42 -12.62
C SER E 112 -25.20 -10.83 -11.33
N HIS E 113 -25.03 -12.13 -11.16
CA HIS E 113 -24.44 -12.69 -9.96
C HIS E 113 -23.14 -13.40 -10.30
N ARG E 114 -22.11 -13.17 -9.47
CA ARG E 114 -20.76 -13.71 -9.64
C ARG E 114 -20.42 -14.61 -8.47
N PHE E 115 -20.25 -15.91 -8.73
CA PHE E 115 -19.88 -16.84 -7.67
C PHE E 115 -18.49 -16.52 -7.15
N ILE E 116 -18.35 -16.41 -5.82
CA ILE E 116 -17.08 -16.14 -5.16
C ILE E 116 -16.52 -17.39 -4.47
N THR E 117 -17.31 -17.99 -3.58
CA THR E 117 -16.89 -19.18 -2.84
C THR E 117 -18.14 -19.90 -2.34
N THR E 118 -17.94 -21.09 -1.79
CA THR E 118 -19.05 -21.79 -1.14
C THR E 118 -18.51 -22.80 -0.15
N ILE E 119 -19.27 -23.06 0.91
CA ILE E 119 -18.90 -24.13 1.83
C ILE E 119 -20.09 -25.07 1.96
N PRO E 120 -19.87 -26.38 1.91
CA PRO E 120 -20.96 -27.32 2.15
C PRO E 120 -21.21 -27.52 3.64
N LYS E 121 -22.48 -27.77 3.97
CA LYS E 121 -22.92 -28.12 5.32
C LYS E 121 -23.78 -29.38 5.23
N ASN E 122 -23.15 -30.54 5.44
CA ASN E 122 -23.86 -31.83 5.33
C ASN E 122 -24.86 -32.02 6.45
N GLY E 123 -24.53 -31.56 7.65
CA GLY E 123 -25.39 -31.74 8.81
C GLY E 123 -24.62 -31.53 10.11
N PHE F 2 -19.23 -12.30 6.34
CA PHE F 2 -18.64 -10.99 6.13
C PHE F 2 -17.96 -10.48 7.40
N ILE F 3 -16.73 -10.00 7.26
CA ILE F 3 -16.10 -9.21 8.33
C ILE F 3 -16.75 -7.84 8.26
N GLU F 4 -17.69 -7.58 9.16
CA GLU F 4 -18.47 -6.35 9.12
C GLU F 4 -17.82 -5.19 9.88
N ASN F 5 -17.02 -5.46 10.91
CA ASN F 5 -16.36 -4.41 11.68
C ASN F 5 -14.87 -4.66 11.67
N LYS F 6 -14.13 -3.80 11.00
CA LYS F 6 -12.68 -3.89 10.89
C LYS F 6 -12.07 -2.53 11.09
N PRO F 7 -10.80 -2.45 11.50
CA PRO F 7 -10.10 -1.17 11.46
C PRO F 7 -10.09 -0.64 10.04
N GLY F 8 -10.22 0.68 9.92
CA GLY F 8 -10.10 1.33 8.63
C GLY F 8 -8.71 1.20 8.04
N GLU F 9 -8.63 1.42 6.72
CA GLU F 9 -7.35 1.30 6.03
C GLU F 9 -6.31 2.27 6.61
N ILE F 10 -6.73 3.45 7.08
CA ILE F 10 -5.77 4.36 7.70
C ILE F 10 -5.33 3.82 9.05
N GLU F 11 -6.27 3.26 9.83
CA GLU F 11 -5.93 2.67 11.11
C GLU F 11 -4.96 1.53 10.94
N LEU F 12 -5.21 0.66 9.95
CA LEU F 12 -4.31 -0.43 9.61
C LEU F 12 -2.99 0.09 9.07
N LEU F 13 -3.02 1.17 8.29
CA LEU F 13 -1.79 1.80 7.82
C LEU F 13 -0.89 2.21 8.99
N SER F 14 -1.47 2.81 10.03
CA SER F 14 -0.66 3.17 11.19
C SER F 14 -0.11 1.93 11.89
N PHE F 15 -0.98 0.94 12.12
CA PHE F 15 -0.54 -0.23 12.88
C PHE F 15 0.63 -0.93 12.21
N PHE F 16 0.57 -1.10 10.90
CA PHE F 16 1.62 -1.82 10.20
C PHE F 16 2.70 -0.90 9.65
N GLU F 17 2.53 0.41 9.76
CA GLU F 17 3.49 1.40 9.25
C GLU F 17 3.81 1.11 7.79
N SER F 18 2.82 0.60 7.06
CA SER F 18 2.99 0.25 5.65
C SER F 18 1.63 0.00 5.03
N GLU F 19 1.57 0.27 3.72
CA GLU F 19 0.42 -0.07 2.91
C GLU F 19 0.32 -1.60 2.84
N PRO F 20 -0.81 -2.14 2.39
CA PRO F 20 -0.87 -3.57 2.12
C PRO F 20 0.17 -3.97 1.09
N VAL F 21 0.73 -5.15 1.25
CA VAL F 21 1.58 -5.71 0.20
C VAL F 21 0.76 -5.91 -1.07
N SER F 22 -0.45 -6.43 -0.93
CA SER F 22 -1.27 -6.73 -2.09
C SER F 22 -2.73 -6.75 -1.69
N PHE F 23 -3.59 -6.51 -2.67
CA PHE F 23 -5.03 -6.53 -2.49
C PHE F 23 -5.63 -7.43 -3.55
N GLU F 24 -6.60 -8.25 -3.17
CA GLU F 24 -7.28 -9.15 -4.10
C GLU F 24 -8.74 -8.72 -4.22
N ARG F 25 -9.11 -8.23 -5.41
CA ARG F 25 -10.46 -7.74 -5.64
C ARG F 25 -11.52 -8.85 -5.59
N ASP F 26 -11.16 -10.08 -6.00
CA ASP F 26 -12.13 -11.17 -6.07
C ASP F 26 -12.88 -11.38 -4.76
N ASN F 27 -12.17 -11.32 -3.64
CA ASN F 27 -12.75 -11.60 -2.33
C ASN F 27 -12.43 -10.51 -1.30
N ILE F 28 -12.12 -9.29 -1.76
CA ILE F 28 -11.80 -8.13 -0.91
C ILE F 28 -10.87 -8.54 0.22
N SER F 29 -9.68 -9.00 -0.13
CA SER F 29 -8.74 -9.53 0.85
C SER F 29 -7.44 -8.77 0.79
N PHE F 30 -6.86 -8.53 1.96
CA PHE F 30 -5.65 -7.71 2.10
C PHE F 30 -4.55 -8.49 2.79
N LEU F 31 -3.31 -8.25 2.37
CA LEU F 31 -2.13 -8.79 3.04
C LEU F 31 -1.22 -7.66 3.52
N TYR F 32 -0.90 -7.67 4.82
CA TYR F 32 0.08 -6.80 5.43
C TYR F 32 1.25 -7.62 5.95
N THR F 33 2.41 -6.97 6.07
CA THR F 33 3.63 -7.61 6.53
C THR F 33 4.40 -6.69 7.46
N ALA F 34 5.01 -7.27 8.49
CA ALA F 34 5.92 -6.54 9.34
C ALA F 34 7.10 -7.46 9.68
N LYS F 35 8.30 -6.86 9.86
CA LYS F 35 9.49 -7.61 10.26
C LYS F 35 10.21 -6.89 11.40
N ASN F 36 11.00 -7.65 12.17
CA ASN F 36 11.94 -7.09 13.12
C ASN F 36 13.36 -7.18 12.59
N LYS F 37 14.32 -6.76 13.40
CA LYS F 37 15.70 -6.66 12.99
C LYS F 37 16.46 -7.98 13.14
N CYS F 38 15.75 -9.07 13.44
CA CYS F 38 16.37 -10.38 13.61
C CYS F 38 15.89 -11.39 12.60
N GLY F 39 15.23 -10.94 11.52
CA GLY F 39 14.77 -11.84 10.50
C GLY F 39 13.39 -12.40 10.73
N LEU F 40 12.69 -11.90 11.75
CA LEU F 40 11.35 -12.35 12.08
C LEU F 40 10.32 -11.48 11.36
N SER F 41 9.38 -12.13 10.67
CA SER F 41 8.34 -11.38 9.99
C SER F 41 7.02 -12.08 10.23
N VAL F 42 5.94 -11.35 9.99
CA VAL F 42 4.61 -11.89 10.08
C VAL F 42 3.81 -11.36 8.90
N ASP F 43 3.07 -12.24 8.25
CA ASP F 43 2.14 -11.90 7.19
C ASP F 43 0.75 -11.98 7.78
N PHE F 44 0.01 -10.87 7.75
CA PHE F 44 -1.34 -10.83 8.27
C PHE F 44 -2.29 -10.55 7.12
N SER F 45 -3.30 -11.40 6.98
CA SER F 45 -4.25 -11.24 5.89
C SER F 45 -5.64 -11.62 6.35
N PHE F 46 -6.62 -11.13 5.59
CA PHE F 46 -8.02 -11.31 5.92
C PHE F 46 -8.84 -11.04 4.68
N SER F 47 -10.02 -11.65 4.63
CA SER F 47 -10.97 -11.46 3.53
C SER F 47 -12.26 -10.89 4.11
N VAL F 48 -12.66 -9.72 3.64
CA VAL F 48 -13.89 -9.11 4.11
C VAL F 48 -15.12 -9.92 3.67
N VAL F 49 -15.10 -10.49 2.46
CA VAL F 49 -16.32 -11.12 1.97
C VAL F 49 -16.40 -12.62 2.26
N GLU F 50 -15.27 -13.26 2.56
CA GLU F 50 -15.25 -14.67 2.94
C GLU F 50 -15.07 -14.88 4.44
N GLY F 51 -14.74 -13.84 5.19
CA GLY F 51 -14.75 -13.90 6.64
C GLY F 51 -13.67 -14.70 7.33
N TRP F 52 -12.41 -14.57 6.89
CA TRP F 52 -11.33 -15.32 7.52
C TRP F 52 -10.14 -14.41 7.82
N ILE F 53 -9.29 -14.89 8.74
CA ILE F 53 -7.99 -14.30 9.01
C ILE F 53 -6.91 -15.36 8.88
N GLN F 54 -5.76 -14.98 8.34
CA GLN F 54 -4.60 -15.86 8.28
C GLN F 54 -3.38 -15.10 8.77
N TYR F 55 -2.48 -15.79 9.45
CA TYR F 55 -1.17 -15.20 9.67
C TYR F 55 -0.11 -16.26 9.54
N THR F 56 1.02 -15.86 8.98
CA THR F 56 2.19 -16.71 8.87
C THR F 56 3.37 -15.96 9.50
N VAL F 57 4.13 -16.66 10.33
CA VAL F 57 5.34 -16.11 10.90
C VAL F 57 6.51 -16.79 10.22
N ARG F 58 7.47 -15.99 9.78
CA ARG F 58 8.65 -16.45 9.07
C ARG F 58 9.91 -16.04 9.81
N LEU F 59 10.86 -16.95 9.89
CA LEU F 59 12.20 -16.62 10.37
C LEU F 59 13.09 -16.72 9.14
N HIS F 60 13.54 -15.57 8.65
CA HIS F 60 14.33 -15.45 7.42
C HIS F 60 13.56 -16.08 6.26
N GLU F 61 12.28 -15.74 6.18
CA GLU F 61 11.38 -16.19 5.12
C GLU F 61 11.10 -17.69 5.17
N ASN F 62 11.56 -18.38 6.21
CA ASN F 62 11.15 -19.75 6.45
C ASN F 62 9.95 -19.76 7.39
N GLU F 63 8.89 -20.44 6.97
CA GLU F 63 7.66 -20.48 7.76
C GLU F 63 7.86 -21.32 9.01
N ILE F 64 7.54 -20.74 10.17
CA ILE F 64 7.63 -21.48 11.41
C ILE F 64 6.21 -21.63 11.99
N LEU F 65 5.34 -20.63 11.77
CA LEU F 65 3.96 -20.71 12.25
C LEU F 65 2.94 -20.30 11.19
N HIS F 66 1.84 -21.05 11.10
CA HIS F 66 0.72 -20.66 10.26
C HIS F 66 -0.60 -20.94 10.95
N ASN F 67 -1.47 -19.94 10.96
CA ASN F 67 -2.80 -20.06 11.54
C ASN F 67 -3.84 -19.50 10.58
N SER F 68 -5.02 -20.14 10.54
CA SER F 68 -6.16 -19.60 9.79
C SER F 68 -7.43 -19.72 10.61
N ILE F 69 -8.25 -18.68 10.59
CA ILE F 69 -9.49 -18.63 11.36
C ILE F 69 -10.65 -18.40 10.40
N ASP F 70 -11.60 -19.32 10.38
CA ASP F 70 -12.81 -19.15 9.57
C ASP F 70 -13.88 -18.50 10.42
N GLY F 71 -14.80 -17.79 9.78
CA GLY F 71 -15.89 -17.21 10.55
C GLY F 71 -15.53 -16.00 11.42
N VAL F 72 -14.75 -15.07 10.89
CA VAL F 72 -14.47 -13.81 11.58
C VAL F 72 -15.50 -12.79 11.12
N SER F 73 -16.26 -12.22 12.05
CA SER F 73 -17.18 -11.16 11.69
C SER F 73 -16.69 -9.76 12.09
N SER F 74 -15.61 -9.68 12.88
CA SER F 74 -15.01 -8.43 13.27
C SER F 74 -13.62 -8.69 13.83
N PHE F 75 -12.74 -7.71 13.62
CA PHE F 75 -11.52 -7.63 14.38
C PHE F 75 -11.19 -6.15 14.55
N SER F 76 -10.34 -5.85 15.52
CA SER F 76 -10.08 -4.47 15.91
C SER F 76 -8.63 -4.30 16.32
N ILE F 77 -8.21 -3.05 16.40
CA ILE F 77 -6.91 -2.70 16.94
C ILE F 77 -7.13 -2.11 18.33
N ARG F 78 -6.48 -2.70 19.33
CA ARG F 78 -6.62 -2.29 20.71
C ARG F 78 -5.27 -1.87 21.28
N ASN F 79 -5.32 -1.23 22.45
CA ASN F 79 -4.13 -0.71 23.10
C ASN F 79 -4.16 -1.08 24.57
N ASP F 80 -3.00 -1.41 25.10
CA ASP F 80 -2.78 -1.48 26.54
C ASP F 80 -1.44 -0.81 26.81
N ASN F 81 -0.92 -0.96 28.02
CA ASN F 81 0.35 -0.33 28.34
C ASN F 81 1.49 -0.86 27.48
N LEU F 82 1.37 -2.08 26.95
CA LEU F 82 2.44 -2.64 26.14
C LEU F 82 2.45 -2.13 24.72
N GLY F 83 1.33 -1.60 24.24
CA GLY F 83 1.23 -1.04 22.91
C GLY F 83 -0.01 -1.51 22.22
N ASP F 84 -0.02 -1.35 20.90
CA ASP F 84 -1.16 -1.76 20.09
C ASP F 84 -1.06 -3.26 19.78
N TYR F 85 -2.24 -3.86 19.56
CA TYR F 85 -2.32 -5.24 19.12
C TYR F 85 -3.61 -5.43 18.35
N ILE F 86 -3.56 -6.27 17.33
CA ILE F 86 -4.76 -6.70 16.63
C ILE F 86 -5.43 -7.79 17.46
N TYR F 87 -6.73 -7.66 17.65
CA TYR F 87 -7.52 -8.57 18.46
C TYR F 87 -8.72 -9.05 17.65
N ALA F 88 -8.98 -10.34 17.68
CA ALA F 88 -10.15 -10.92 17.07
C ALA F 88 -10.69 -11.96 18.02
N GLU F 89 -12.00 -12.09 18.03
CA GLU F 89 -12.73 -12.97 18.94
C GLU F 89 -13.80 -13.67 18.12
N ILE F 90 -13.88 -15.00 18.26
CA ILE F 90 -14.92 -15.81 17.62
C ILE F 90 -15.65 -16.58 18.72
N ILE F 91 -16.96 -16.35 18.84
CA ILE F 91 -17.77 -16.89 19.91
C ILE F 91 -18.77 -17.87 19.30
N THR F 92 -18.75 -19.10 19.78
CA THR F 92 -19.75 -20.11 19.46
C THR F 92 -20.36 -20.57 20.78
N LYS F 93 -21.42 -21.39 20.67
CA LYS F 93 -22.09 -21.87 21.87
C LYS F 93 -21.12 -22.63 22.75
N GLU F 94 -20.25 -23.44 22.14
CA GLU F 94 -19.35 -24.33 22.86
C GLU F 94 -17.93 -23.78 22.99
N LEU F 95 -17.50 -22.91 22.09
CA LEU F 95 -16.08 -22.55 22.03
C LEU F 95 -15.90 -21.04 21.86
N ILE F 96 -14.81 -20.52 22.42
CA ILE F 96 -14.41 -19.13 22.28
C ILE F 96 -12.97 -19.08 21.83
N ASN F 97 -12.73 -18.58 20.62
CA ASN F 97 -11.37 -18.39 20.13
C ASN F 97 -11.01 -16.91 20.22
N LYS F 98 -9.78 -16.64 20.68
CA LYS F 98 -9.22 -15.29 20.72
C LYS F 98 -7.82 -15.31 20.13
N ILE F 99 -7.46 -14.26 19.40
CA ILE F 99 -6.08 -14.07 19.00
C ILE F 99 -5.71 -12.62 19.23
N GLU F 100 -4.43 -12.41 19.48
CA GLU F 100 -3.86 -11.14 19.88
C GLU F 100 -2.52 -11.04 19.18
N ILE F 101 -2.36 -10.07 18.28
CA ILE F 101 -1.17 -9.95 17.46
C ILE F 101 -0.53 -8.60 17.73
N ARG F 102 0.75 -8.62 18.12
CA ARG F 102 1.54 -7.43 18.31
C ARG F 102 2.69 -7.40 17.31
N ILE F 103 3.00 -6.23 16.79
CA ILE F 103 4.23 -6.05 16.03
C ILE F 103 5.16 -5.01 16.65
N ARG F 104 4.67 -4.08 17.46
CA ARG F 104 5.59 -3.18 18.13
C ARG F 104 5.26 -3.09 19.61
N PRO F 105 6.28 -3.15 20.49
CA PRO F 105 7.70 -3.17 20.14
C PRO F 105 8.24 -4.49 19.56
N ASP F 106 7.60 -5.63 19.82
CA ASP F 106 8.08 -6.90 19.29
C ASP F 106 6.93 -7.69 18.69
N ILE F 107 7.26 -8.54 17.71
CA ILE F 107 6.29 -9.43 17.11
C ILE F 107 5.94 -10.53 18.10
N LYS F 108 4.66 -10.63 18.44
CA LYS F 108 4.22 -11.49 19.53
C LYS F 108 2.76 -11.83 19.31
N ILE F 109 2.46 -13.13 19.21
CA ILE F 109 1.10 -13.61 18.92
C ILE F 109 0.61 -14.43 20.11
N LYS F 110 -0.62 -14.16 20.54
CA LYS F 110 -1.23 -14.84 21.67
C LYS F 110 -2.59 -15.37 21.19
N SER F 111 -2.80 -16.68 21.36
CA SER F 111 -3.99 -17.35 20.83
C SER F 111 -4.58 -18.27 21.88
N SER F 112 -5.89 -18.46 21.81
CA SER F 112 -6.50 -19.37 22.77
C SER F 112 -7.85 -19.86 22.27
N SER F 113 -8.28 -20.98 22.82
CA SER F 113 -9.55 -21.59 22.49
C SER F 113 -10.05 -22.22 23.78
N VAL F 114 -11.09 -21.65 24.38
CA VAL F 114 -11.60 -22.09 25.68
C VAL F 114 -12.92 -22.81 25.52
N ILE F 115 -13.14 -23.80 26.38
CA ILE F 115 -14.38 -24.56 26.38
C ILE F 115 -15.46 -23.73 27.09
N ARG F 116 -16.64 -23.70 26.50
CA ARG F 116 -17.70 -22.85 27.02
C ARG F 116 -19.03 -23.59 26.95
N SER G 13 -12.38 -30.28 54.68
CA SER G 13 -12.95 -30.17 53.34
C SER G 13 -12.10 -30.88 52.28
N VAL G 14 -12.54 -30.82 51.03
CA VAL G 14 -11.83 -31.45 49.92
C VAL G 14 -10.96 -30.51 49.11
N VAL G 15 -11.06 -29.19 49.30
CA VAL G 15 -10.28 -28.24 48.53
C VAL G 15 -9.05 -27.83 49.33
N ASP G 16 -7.88 -28.11 48.79
CA ASP G 16 -6.64 -27.72 49.44
C ASP G 16 -6.53 -26.19 49.53
N ALA G 17 -5.68 -25.73 50.46
CA ALA G 17 -5.49 -24.31 50.66
C ALA G 17 -4.96 -23.61 49.41
N LYS G 18 -4.09 -24.28 48.65
CA LYS G 18 -3.54 -23.69 47.44
C LYS G 18 -4.57 -23.48 46.33
N LYS G 19 -5.68 -24.22 46.36
CA LYS G 19 -6.67 -24.12 45.29
C LYS G 19 -7.44 -22.80 45.34
N PHE G 20 -7.33 -22.04 46.42
CA PHE G 20 -8.10 -20.81 46.53
C PHE G 20 -7.51 -19.68 45.69
N ASP G 21 -6.21 -19.72 45.43
CA ASP G 21 -5.64 -18.78 44.47
C ASP G 21 -6.24 -18.98 43.09
N TYR G 22 -6.44 -20.23 42.69
CA TYR G 22 -7.10 -20.50 41.41
C TYR G 22 -8.57 -20.09 41.43
N LEU G 23 -9.25 -20.37 42.53
CA LEU G 23 -10.70 -20.13 42.57
C LEU G 23 -11.03 -18.66 42.49
N PHE G 24 -10.16 -17.80 43.03
CA PHE G 24 -10.39 -16.35 42.99
C PHE G 24 -9.62 -15.69 41.86
N GLY G 25 -9.19 -16.47 40.88
CA GLY G 25 -8.59 -15.91 39.69
C GLY G 25 -7.19 -15.37 39.86
N LYS G 26 -6.40 -15.89 40.79
CA LYS G 26 -5.02 -15.46 40.95
C LYS G 26 -4.01 -16.57 40.62
N ALA G 27 -4.46 -17.69 40.05
CA ALA G 27 -3.55 -18.74 39.59
C ALA G 27 -3.03 -18.33 38.22
N THR G 28 -1.99 -17.51 38.24
CA THR G 28 -1.37 -17.04 37.00
C THR G 28 -0.90 -18.21 36.15
N GLY G 29 -1.08 -18.10 34.84
CA GLY G 29 -0.82 -19.23 33.97
C GLY G 29 0.66 -19.45 33.74
N ASN G 30 1.00 -20.70 33.43
CA ASN G 30 2.37 -21.10 33.14
C ASN G 30 2.31 -22.44 32.43
N SER G 31 3.47 -23.07 32.25
CA SER G 31 3.54 -24.31 31.47
C SER G 31 2.68 -25.41 32.06
N HIS G 32 2.45 -25.40 33.38
CA HIS G 32 1.61 -26.41 34.03
C HIS G 32 0.25 -25.89 34.46
N THR G 33 -0.08 -24.62 34.17
CA THR G 33 -1.28 -23.97 34.68
C THR G 33 -1.99 -23.27 33.52
N LEU G 34 -3.16 -23.76 33.14
CA LEU G 34 -3.94 -23.08 32.10
C LEU G 34 -4.59 -21.84 32.71
N ASP G 35 -4.34 -20.67 32.13
CA ASP G 35 -4.69 -19.41 32.76
C ASP G 35 -6.18 -19.18 32.62
N ARG G 36 -6.89 -19.26 33.74
CA ARG G 36 -8.30 -18.95 33.80
C ARG G 36 -8.59 -17.85 34.81
N THR G 37 -7.64 -16.94 34.96
CA THR G 37 -7.73 -15.90 35.99
C THR G 37 -8.94 -14.99 35.73
N ASN G 38 -9.12 -14.57 34.47
CA ASN G 38 -10.22 -13.68 34.16
C ASN G 38 -11.56 -14.35 34.36
N GLN G 39 -11.71 -15.60 33.92
CA GLN G 39 -13.01 -16.27 34.01
C GLN G 39 -13.44 -16.46 35.46
N LEU G 40 -12.53 -16.97 36.30
CA LEU G 40 -12.90 -17.25 37.68
C LEU G 40 -13.10 -15.95 38.46
N ALA G 41 -12.27 -14.95 38.20
CA ALA G 41 -12.43 -13.67 38.88
C ALA G 41 -13.80 -13.04 38.62
N LEU G 42 -14.23 -13.03 37.35
CA LEU G 42 -15.52 -12.43 37.03
C LEU G 42 -16.68 -13.21 37.63
N GLU G 43 -16.62 -14.54 37.59
CA GLU G 43 -17.71 -15.35 38.12
C GLU G 43 -17.79 -15.25 39.64
N LYS G 45 -17.14 -12.48 41.41
CA LYS G 45 -17.88 -11.25 41.70
C LYS G 45 -19.37 -11.44 41.49
N ARG G 46 -19.74 -12.10 40.38
CA ARG G 46 -21.15 -12.36 40.08
C ARG G 46 -21.83 -13.16 41.18
N LEU G 47 -21.13 -14.15 41.74
CA LEU G 47 -21.74 -14.97 42.78
C LEU G 47 -21.78 -14.29 44.15
N GLY G 48 -21.01 -13.21 44.36
CA GLY G 48 -20.95 -12.57 45.65
C GLY G 48 -20.02 -13.25 46.64
N VAL G 49 -18.98 -13.90 46.15
CA VAL G 49 -18.00 -14.58 47.00
C VAL G 49 -16.74 -13.73 47.10
N ALA G 50 -16.44 -13.23 48.30
CA ALA G 50 -15.24 -12.43 48.53
C ALA G 50 -14.06 -13.33 48.88
N ASP G 51 -12.84 -12.83 48.61
CA ASP G 51 -11.64 -13.59 48.96
C ASP G 51 -11.27 -13.34 50.42
N ASP G 52 -12.22 -13.59 51.31
CA ASP G 52 -12.02 -13.43 52.73
C ASP G 52 -12.24 -14.77 53.44
N ILE G 53 -12.25 -14.73 54.77
CA ILE G 53 -12.42 -15.97 55.52
C ILE G 53 -13.78 -16.59 55.24
N ASN G 54 -14.84 -15.77 55.25
CA ASN G 54 -16.17 -16.28 54.96
C ASN G 54 -16.26 -16.80 53.52
N GLY G 55 -15.69 -16.05 52.57
CA GLY G 55 -15.74 -16.49 51.19
C GLY G 55 -15.12 -17.86 50.95
N HIS G 56 -13.95 -18.10 51.55
CA HIS G 56 -13.29 -19.39 51.35
C HIS G 56 -14.16 -20.53 51.88
N ALA G 57 -14.87 -20.28 52.98
CA ALA G 57 -15.66 -21.33 53.63
C ALA G 57 -16.87 -21.73 52.79
N VAL G 58 -17.52 -20.77 52.12
CA VAL G 58 -18.69 -21.07 51.30
C VAL G 58 -18.33 -22.02 50.18
N LEU G 59 -17.19 -21.76 49.53
CA LEU G 59 -16.71 -22.63 48.45
C LEU G 59 -16.28 -23.99 48.98
N ALA G 60 -15.47 -23.99 50.05
CA ALA G 60 -15.01 -25.25 50.64
C ALA G 60 -16.17 -26.18 50.94
N GLU G 61 -17.22 -25.64 51.56
CA GLU G 61 -18.40 -26.45 51.87
C GLU G 61 -19.09 -26.93 50.60
N HIS G 62 -19.19 -26.07 49.60
CA HIS G 62 -19.90 -26.44 48.39
C HIS G 62 -19.22 -27.60 47.68
N PHE G 63 -17.93 -27.49 47.44
CA PHE G 63 -17.26 -28.56 46.70
C PHE G 63 -17.08 -29.82 47.55
N THR G 64 -17.00 -29.69 48.88
CA THR G 64 -16.99 -30.88 49.73
C THR G 64 -18.33 -31.59 49.66
N GLN G 65 -19.42 -30.82 49.67
CA GLN G 65 -20.75 -31.41 49.56
C GLN G 65 -20.99 -32.02 48.18
N ALA G 66 -20.36 -31.44 47.16
CA ALA G 66 -20.50 -32.01 45.82
C ALA G 66 -19.89 -33.41 45.76
N THR G 67 -18.93 -33.69 46.63
CA THR G 67 -18.34 -35.02 46.72
C THR G 67 -19.27 -35.99 47.44
N LYS G 68 -20.20 -35.48 48.24
CA LYS G 68 -21.12 -36.34 48.97
C LYS G 68 -22.18 -36.96 48.08
N ASP G 69 -22.48 -36.34 46.94
CA ASP G 69 -23.44 -36.90 46.00
C ASP G 69 -22.80 -37.97 45.13
N SER G 70 -23.59 -39.00 44.84
CA SER G 70 -23.20 -40.02 43.89
C SER G 70 -23.90 -39.86 42.55
N ASN G 71 -24.80 -38.88 42.43
CA ASN G 71 -25.61 -38.70 41.23
C ASN G 71 -25.11 -37.57 40.34
N ASN G 72 -24.03 -36.90 40.70
CA ASN G 72 -23.54 -35.76 39.92
C ASN G 72 -22.23 -36.06 39.21
N ILE G 73 -21.88 -37.33 39.08
CA ILE G 73 -20.69 -37.74 38.35
C ILE G 73 -21.03 -37.83 36.87
N VAL G 74 -20.37 -37.02 36.06
CA VAL G 74 -20.66 -37.00 34.63
C VAL G 74 -19.63 -37.79 33.84
N LYS G 75 -18.43 -37.99 34.40
CA LYS G 75 -17.39 -38.76 33.74
C LYS G 75 -16.50 -39.36 34.81
N LYS G 76 -16.10 -40.60 34.59
CA LYS G 76 -15.08 -41.24 35.39
C LYS G 76 -13.96 -41.65 34.45
N TYR G 77 -12.74 -41.61 34.96
CA TYR G 77 -11.59 -42.00 34.16
C TYR G 77 -10.51 -42.54 35.07
N THR G 78 -9.91 -43.64 34.65
CA THR G 78 -8.84 -44.25 35.41
C THR G 78 -7.73 -44.62 34.44
N ASP G 79 -6.53 -44.19 34.78
CA ASP G 79 -5.36 -44.60 34.04
C ASP G 79 -4.28 -44.93 35.07
N GLN G 80 -3.07 -45.13 34.57
CA GLN G 80 -1.97 -45.52 35.43
C GLN G 80 -1.69 -44.49 36.54
N TYR G 81 -2.13 -43.23 36.37
CA TYR G 81 -1.78 -42.24 37.36
C TYR G 81 -2.71 -42.25 38.55
N GLY G 82 -3.99 -42.56 38.33
CA GLY G 82 -4.93 -42.61 39.43
C GLY G 82 -6.34 -42.65 38.90
N SER G 83 -7.29 -42.37 39.78
CA SER G 83 -8.69 -42.38 39.38
C SER G 83 -9.28 -41.02 39.57
N PHE G 84 -10.02 -40.56 38.56
CA PHE G 84 -10.55 -39.22 38.52
C PHE G 84 -12.01 -39.25 38.10
N GLU G 85 -12.70 -38.18 38.45
CA GLU G 85 -14.11 -38.07 38.11
C GLU G 85 -14.43 -36.60 37.97
N ILE G 86 -15.43 -36.31 37.14
CA ILE G 86 -15.91 -34.96 36.96
C ILE G 86 -17.30 -34.87 37.57
N ARG G 87 -17.53 -33.83 38.36
CA ARG G 87 -18.80 -33.65 39.03
C ARG G 87 -19.34 -32.27 38.72
N GLU G 88 -20.64 -32.24 38.41
CA GLU G 88 -21.36 -30.99 38.25
C GLU G 88 -22.09 -30.66 39.56
N SER G 89 -22.08 -29.39 39.94
CA SER G 89 -22.78 -28.97 41.14
C SER G 89 -23.36 -27.59 40.89
N PHE G 90 -24.60 -27.39 41.32
CA PHE G 90 -25.33 -26.15 41.08
C PHE G 90 -25.16 -25.28 42.32
N PHE G 91 -24.85 -24.00 42.11
CA PHE G 91 -24.47 -23.10 43.20
C PHE G 91 -25.17 -21.77 43.06
N ILE G 92 -25.88 -21.37 44.11
CA ILE G 92 -26.43 -20.03 44.24
C ILE G 92 -25.59 -19.31 45.29
N GLY G 93 -25.06 -18.14 44.94
CA GLY G 93 -24.13 -17.43 45.79
C GLY G 93 -24.75 -16.39 46.70
N PRO G 94 -23.92 -15.76 47.55
CA PRO G 94 -24.43 -14.69 48.43
C PRO G 94 -25.10 -13.56 47.65
N SER G 95 -24.71 -13.33 46.41
CA SER G 95 -25.37 -12.33 45.57
C SER G 95 -26.74 -12.79 45.08
N GLY G 96 -27.04 -14.09 45.14
CA GLY G 96 -28.27 -14.62 44.58
C GLY G 96 -28.18 -15.16 43.16
N LYS G 97 -27.08 -14.90 42.44
CA LYS G 97 -26.88 -15.46 41.10
C LYS G 97 -26.50 -16.94 41.19
N ALA G 98 -26.79 -17.67 40.11
CA ALA G 98 -26.60 -19.12 40.07
C ALA G 98 -25.67 -19.48 38.92
N THR G 99 -25.02 -20.64 39.04
CA THR G 99 -24.11 -21.13 38.02
C THR G 99 -24.00 -22.65 38.10
N VAL G 100 -23.43 -23.24 37.04
CA VAL G 100 -23.18 -24.68 36.99
C VAL G 100 -21.66 -24.88 37.04
N PHE G 101 -21.18 -25.60 38.07
CA PHE G 101 -19.75 -25.87 38.27
C PHE G 101 -19.37 -27.24 37.75
N GLU G 102 -18.40 -27.28 36.85
CA GLU G 102 -17.83 -28.55 36.41
C GLU G 102 -16.51 -28.74 37.13
N SER G 103 -16.48 -29.61 38.13
CA SER G 103 -15.31 -29.82 38.97
C SER G 103 -14.64 -31.17 38.70
N THR G 104 -13.32 -31.17 38.78
CA THR G 104 -12.54 -32.38 38.58
C THR G 104 -11.93 -32.78 39.91
N PHE G 105 -12.15 -34.04 40.28
CA PHE G 105 -11.60 -34.59 41.51
C PHE G 105 -10.73 -35.80 41.19
N GLU G 106 -9.75 -36.02 42.05
CA GLU G 106 -9.10 -37.30 42.16
C GLU G 106 -9.71 -38.01 43.36
N VAL G 107 -10.09 -39.26 43.16
CA VAL G 107 -10.49 -40.09 44.28
C VAL G 107 -9.22 -40.79 44.75
N LYS G 109 -6.52 -43.12 47.38
CA LYS G 109 -6.38 -44.55 47.67
C LYS G 109 -7.16 -44.91 48.92
N ASP G 110 -7.20 -44.01 49.91
CA ASP G 110 -7.99 -44.16 51.12
C ASP G 110 -9.45 -43.78 50.94
N GLY G 111 -9.90 -43.46 49.73
CA GLY G 111 -11.30 -43.15 49.49
C GLY G 111 -11.66 -41.67 49.51
N SER G 112 -10.79 -40.80 50.01
CA SER G 112 -11.12 -39.38 50.10
C SER G 112 -11.10 -38.72 48.72
N HIS G 113 -11.62 -37.50 48.66
CA HIS G 113 -11.71 -36.73 47.42
C HIS G 113 -10.84 -35.49 47.52
N ARG G 114 -10.11 -35.22 46.45
CA ARG G 114 -9.21 -34.08 46.34
C ARG G 114 -9.65 -33.22 45.16
N PHE G 115 -10.04 -31.98 45.44
CA PHE G 115 -10.39 -31.03 44.39
C PHE G 115 -9.16 -30.71 43.54
N ILE G 116 -9.33 -30.78 42.22
CA ILE G 116 -8.28 -30.43 41.26
C ILE G 116 -8.56 -29.07 40.60
N THR G 117 -9.72 -28.94 39.95
CA THR G 117 -10.08 -27.69 39.26
C THR G 117 -11.60 -27.65 39.03
N THR G 118 -12.09 -26.50 38.54
CA THR G 118 -13.49 -26.37 38.17
C THR G 118 -13.70 -25.21 37.19
N ILE G 119 -14.73 -25.32 36.35
CA ILE G 119 -15.12 -24.21 35.47
C ILE G 119 -16.61 -23.92 35.67
N PRO G 120 -16.98 -22.66 35.79
CA PRO G 120 -18.40 -22.29 35.89
C PRO G 120 -19.10 -22.22 34.55
N LYS G 121 -20.40 -22.48 34.59
CA LYS G 121 -21.29 -22.36 33.44
C LYS G 121 -22.52 -21.52 33.75
N PHE H 2 -10.86 -35.00 30.29
CA PHE H 2 -9.72 -35.89 30.33
C PHE H 2 -9.17 -36.13 28.94
N ILE H 3 -7.85 -36.00 28.80
CA ILE H 3 -7.13 -36.49 27.61
C ILE H 3 -7.09 -38.00 27.77
N GLU H 4 -7.95 -38.70 27.04
CA GLU H 4 -8.07 -40.13 27.20
C GLU H 4 -7.16 -40.92 26.26
N ASN H 5 -6.81 -40.34 25.12
CA ASN H 5 -5.91 -40.97 24.14
C ASN H 5 -4.73 -40.02 23.93
N LYS H 6 -3.57 -40.40 24.41
CA LYS H 6 -2.36 -39.61 24.31
C LYS H 6 -1.21 -40.52 23.92
N PRO H 7 -0.16 -39.99 23.28
CA PRO H 7 1.03 -40.80 23.06
C PRO H 7 1.59 -41.29 24.39
N GLY H 8 2.13 -42.51 24.38
CA GLY H 8 2.83 -43.00 25.55
C GLY H 8 4.07 -42.17 25.86
N GLU H 9 4.53 -42.27 27.10
CA GLU H 9 5.68 -41.47 27.52
C GLU H 9 6.91 -41.78 26.66
N ILE H 10 7.02 -43.02 26.15
CA ILE H 10 8.17 -43.41 25.33
C ILE H 10 8.15 -42.73 23.97
N GLU H 11 6.96 -42.63 23.35
CA GLU H 11 6.83 -41.91 22.09
C GLU H 11 7.17 -40.43 22.24
N LEU H 12 6.69 -39.80 23.31
CA LEU H 12 7.00 -38.40 23.53
C LEU H 12 8.51 -38.22 23.73
N LEU H 13 9.14 -39.17 24.42
CA LEU H 13 10.59 -39.16 24.56
C LEU H 13 11.27 -39.23 23.19
N SER H 14 10.78 -40.08 22.29
CA SER H 14 11.40 -40.13 20.95
C SER H 14 11.17 -38.84 20.19
N PHE H 15 9.92 -38.34 20.18
CA PHE H 15 9.59 -37.15 19.40
C PHE H 15 10.41 -35.94 19.86
N PHE H 16 10.56 -35.76 21.16
CA PHE H 16 11.28 -34.63 21.72
C PHE H 16 12.75 -34.92 22.02
N GLU H 17 13.20 -36.16 21.89
CA GLU H 17 14.60 -36.52 22.14
C GLU H 17 15.06 -36.04 23.51
N SER H 18 14.15 -36.04 24.48
CA SER H 18 14.46 -35.63 25.84
C SER H 18 13.33 -36.05 26.75
N GLU H 19 13.69 -36.33 28.01
CA GLU H 19 12.69 -36.55 29.03
C GLU H 19 11.90 -35.27 29.25
N PRO H 20 10.73 -35.35 29.87
CA PRO H 20 10.00 -34.11 30.20
C PRO H 20 10.87 -33.16 31.02
N VAL H 21 10.72 -31.87 30.74
CA VAL H 21 11.38 -30.87 31.58
C VAL H 21 10.87 -30.94 33.01
N SER H 22 9.55 -31.08 33.19
CA SER H 22 8.96 -31.13 34.52
C SER H 22 7.63 -31.84 34.42
N PHE H 23 7.23 -32.41 35.55
CA PHE H 23 5.97 -33.10 35.73
C PHE H 23 5.28 -32.53 36.95
N GLU H 24 3.98 -32.31 36.87
CA GLU H 24 3.22 -31.81 38.01
C GLU H 24 2.15 -32.83 38.37
N ARG H 25 2.28 -33.45 39.54
CA ARG H 25 1.36 -34.52 39.91
C ARG H 25 -0.07 -34.02 40.11
N ASP H 26 -0.24 -32.78 40.60
CA ASP H 26 -1.57 -32.27 40.97
C ASP H 26 -2.58 -32.45 39.84
N ASN H 27 -2.17 -32.17 38.59
CA ASN H 27 -3.05 -32.21 37.44
C ASN H 27 -2.47 -33.05 36.30
N ILE H 28 -1.58 -34.01 36.62
CA ILE H 28 -0.94 -34.89 35.64
C ILE H 28 -0.53 -34.11 34.40
N SER H 29 0.38 -33.15 34.55
CA SER H 29 0.76 -32.29 33.44
C SER H 29 2.26 -32.32 33.22
N PHE H 30 2.65 -32.34 31.95
CA PHE H 30 4.02 -32.51 31.50
C PHE H 30 4.43 -31.31 30.67
N LEU H 31 5.70 -30.92 30.78
CA LEU H 31 6.27 -29.93 29.89
C LEU H 31 7.44 -30.58 29.15
N TYR H 32 7.41 -30.50 27.81
CA TYR H 32 8.52 -30.90 26.95
C TYR H 32 9.08 -29.67 26.24
N THR H 33 10.35 -29.77 25.86
CA THR H 33 11.05 -28.70 25.20
C THR H 33 11.89 -29.25 24.07
N ALA H 34 11.96 -28.50 22.99
CA ALA H 34 12.90 -28.76 21.92
C ALA H 34 13.38 -27.42 21.38
N LYS H 35 14.61 -27.41 20.88
CA LYS H 35 15.14 -26.24 20.22
C LYS H 35 15.85 -26.70 18.95
N ASN H 36 15.98 -25.79 18.00
CA ASN H 36 16.84 -25.99 16.86
C ASN H 36 18.18 -25.29 17.10
N LYS H 37 19.08 -25.37 16.14
CA LYS H 37 20.41 -24.82 16.32
C LYS H 37 20.52 -23.34 15.94
N CYS H 38 19.38 -22.64 15.76
CA CYS H 38 19.38 -21.23 15.40
C CYS H 38 18.65 -20.36 16.44
N GLY H 39 18.45 -20.87 17.65
CA GLY H 39 17.84 -20.11 18.71
C GLY H 39 16.34 -20.19 18.83
N LEU H 40 15.68 -20.98 17.99
CA LEU H 40 14.23 -21.14 18.07
C LEU H 40 13.91 -22.35 18.93
N SER H 41 13.05 -22.18 19.92
CA SER H 41 12.65 -23.29 20.78
C SER H 41 11.14 -23.31 20.94
N VAL H 42 10.62 -24.46 21.35
CA VAL H 42 9.19 -24.65 21.57
C VAL H 42 8.98 -25.43 22.86
N ASP H 43 8.07 -24.92 23.69
CA ASP H 43 7.65 -25.56 24.94
C ASP H 43 6.27 -26.16 24.70
N PHE H 44 6.16 -27.47 24.89
CA PHE H 44 4.90 -28.17 24.70
C PHE H 44 4.45 -28.71 26.05
N SER H 45 3.20 -28.45 26.42
CA SER H 45 2.72 -28.97 27.70
C SER H 45 1.25 -29.34 27.58
N PHE H 46 0.80 -30.19 28.49
CA PHE H 46 -0.57 -30.67 28.41
C PHE H 46 -0.95 -31.25 29.75
N SER H 47 -2.25 -31.26 30.04
CA SER H 47 -2.77 -31.87 31.27
C SER H 47 -3.76 -32.95 30.91
N VAL H 48 -3.46 -34.21 31.23
CA VAL H 48 -4.39 -35.28 30.92
C VAL H 48 -5.64 -35.17 31.80
N VAL H 49 -5.52 -34.64 33.02
CA VAL H 49 -6.67 -34.59 33.93
C VAL H 49 -7.54 -33.33 33.76
N GLU H 50 -6.98 -32.21 33.27
CA GLU H 50 -7.73 -30.99 32.97
C GLU H 50 -7.99 -30.81 31.48
N GLY H 51 -7.40 -31.63 30.62
CA GLY H 51 -7.74 -31.66 29.21
C GLY H 51 -7.29 -30.49 28.35
N TRP H 52 -6.08 -29.97 28.54
CA TRP H 52 -5.64 -28.83 27.74
C TRP H 52 -4.24 -29.07 27.16
N ILE H 53 -3.93 -28.33 26.09
CA ILE H 53 -2.60 -28.26 25.50
C ILE H 53 -2.16 -26.80 25.43
N GLN H 54 -0.88 -26.56 25.69
CA GLN H 54 -0.27 -25.25 25.53
C GLN H 54 1.02 -25.43 24.77
N TYR H 55 1.36 -24.42 23.98
CA TYR H 55 2.71 -24.33 23.44
C TYR H 55 3.16 -22.89 23.39
N THR H 56 4.45 -22.68 23.66
CA THR H 56 5.10 -21.39 23.56
C THR H 56 6.29 -21.56 22.64
N VAL H 57 6.44 -20.63 21.70
CA VAL H 57 7.61 -20.57 20.82
C VAL H 57 8.46 -19.39 21.25
N ARG H 58 9.77 -19.63 21.43
CA ARG H 58 10.70 -18.60 21.83
C ARG H 58 11.76 -18.47 20.78
N LEU H 59 12.09 -17.23 20.42
CA LEU H 59 13.23 -16.91 19.58
C LEU H 59 14.21 -16.13 20.46
N HIS H 60 15.37 -16.75 20.70
CA HIS H 60 16.41 -16.23 21.58
C HIS H 60 15.83 -15.92 22.95
N GLU H 61 14.97 -16.82 23.43
CA GLU H 61 14.31 -16.73 24.74
C GLU H 61 13.34 -15.55 24.84
N ASN H 62 13.03 -14.88 23.73
CA ASN H 62 11.92 -13.96 23.66
C ASN H 62 10.69 -14.70 23.13
N GLU H 63 9.59 -14.61 23.87
CA GLU H 63 8.39 -15.33 23.49
C GLU H 63 7.78 -14.68 22.25
N ILE H 64 7.56 -15.46 21.20
CA ILE H 64 6.94 -14.95 19.99
C ILE H 64 5.55 -15.53 19.74
N LEU H 65 5.29 -16.79 20.11
CA LEU H 65 3.95 -17.36 20.03
C LEU H 65 3.58 -18.06 21.33
N HIS H 66 2.33 -17.88 21.77
CA HIS H 66 1.77 -18.70 22.83
C HIS H 66 0.36 -19.08 22.45
N ASN H 67 0.05 -20.39 22.53
CA ASN H 67 -1.28 -20.89 22.23
C ASN H 67 -1.75 -21.82 23.34
N SER H 68 -3.03 -21.74 23.68
CA SER H 68 -3.60 -22.69 24.63
C SER H 68 -4.96 -23.18 24.15
N ILE H 69 -5.16 -24.50 24.25
CA ILE H 69 -6.33 -25.19 23.73
C ILE H 69 -7.02 -25.94 24.86
N ASP H 70 -8.29 -25.63 25.08
CA ASP H 70 -9.13 -26.29 26.07
C ASP H 70 -9.94 -27.41 25.42
N GLY H 71 -10.34 -28.37 26.23
CA GLY H 71 -11.18 -29.42 25.68
C GLY H 71 -10.44 -30.38 24.78
N VAL H 72 -9.23 -30.77 25.15
CA VAL H 72 -8.49 -31.79 24.43
C VAL H 72 -8.88 -33.11 25.03
N SER H 73 -9.42 -34.00 24.23
CA SER H 73 -9.64 -35.36 24.72
C SER H 73 -8.64 -36.36 24.13
N SER H 74 -7.91 -35.98 23.09
CA SER H 74 -6.91 -36.85 22.49
C SER H 74 -5.98 -36.02 21.63
N PHE H 75 -4.72 -36.45 21.60
CA PHE H 75 -3.76 -36.03 20.61
C PHE H 75 -2.85 -37.20 20.34
N SER H 76 -2.15 -37.13 19.22
CA SER H 76 -1.37 -38.26 18.74
C SER H 76 -0.10 -37.75 18.07
N ILE H 77 0.83 -38.67 17.85
CA ILE H 77 2.00 -38.42 17.02
C ILE H 77 1.78 -39.15 15.72
N ARG H 78 1.87 -38.43 14.61
CA ARG H 78 1.61 -38.99 13.29
C ARG H 78 2.83 -38.79 12.41
N ASN H 79 2.82 -39.42 11.23
CA ASN H 79 3.93 -39.36 10.30
C ASN H 79 3.43 -39.15 8.88
N ASP H 80 4.14 -38.32 8.11
CA ASP H 80 3.96 -38.26 6.67
C ASP H 80 5.34 -38.22 6.02
N ASN H 81 5.37 -37.90 4.72
CA ASN H 81 6.64 -37.88 4.02
C ASN H 81 7.59 -36.84 4.60
N LEU H 82 7.06 -35.84 5.29
CA LEU H 82 7.91 -34.81 5.88
C LEU H 82 8.51 -35.22 7.23
N GLY H 83 7.88 -36.15 7.96
CA GLY H 83 8.37 -36.60 9.24
C GLY H 83 7.25 -36.70 10.26
N ASP H 84 7.63 -36.76 11.53
CA ASP H 84 6.67 -36.86 12.61
C ASP H 84 6.10 -35.50 12.98
N TYR H 85 4.88 -35.52 13.54
CA TYR H 85 4.23 -34.34 14.06
C TYR H 85 3.21 -34.71 15.12
N ILE H 86 3.05 -33.81 16.10
CA ILE H 86 1.97 -33.91 17.08
C ILE H 86 0.70 -33.43 16.41
N TYR H 87 -0.40 -34.17 16.56
CA TYR H 87 -1.67 -33.80 15.95
C TYR H 87 -2.77 -33.76 17.01
N ALA H 88 -3.57 -32.72 16.99
CA ALA H 88 -4.74 -32.68 17.86
C ALA H 88 -5.86 -32.01 17.07
N GLU H 89 -7.06 -32.55 17.29
CA GLU H 89 -8.27 -32.15 16.62
C GLU H 89 -9.32 -32.00 17.71
N ILE H 90 -10.01 -30.88 17.71
CA ILE H 90 -11.07 -30.56 18.67
C ILE H 90 -12.30 -30.28 17.84
N ILE H 91 -13.35 -31.07 18.03
CA ILE H 91 -14.55 -30.99 17.21
C ILE H 91 -15.72 -30.61 18.10
N THR H 92 -16.40 -29.52 17.75
CA THR H 92 -17.64 -29.07 18.37
C THR H 92 -18.71 -28.97 17.30
N LYS H 93 -19.95 -28.65 17.70
CA LYS H 93 -21.03 -28.57 16.71
C LYS H 93 -20.72 -27.53 15.65
N GLU H 94 -20.20 -26.38 16.06
CA GLU H 94 -19.98 -25.26 15.16
C GLU H 94 -18.55 -25.14 14.65
N LEU H 95 -17.56 -25.67 15.40
CA LEU H 95 -16.16 -25.35 15.18
C LEU H 95 -15.28 -26.59 15.20
N ILE H 96 -14.22 -26.56 14.39
CA ILE H 96 -13.19 -27.59 14.39
C ILE H 96 -11.83 -26.91 14.49
N ASN H 97 -11.14 -27.16 15.58
CA ASN H 97 -9.77 -26.68 15.77
C ASN H 97 -8.83 -27.84 15.50
N LYS H 98 -7.73 -27.56 14.79
CA LYS H 98 -6.66 -28.52 14.53
C LYS H 98 -5.32 -27.87 14.82
N ILE H 99 -4.38 -28.65 15.33
CA ILE H 99 -3.00 -28.22 15.46
C ILE H 99 -2.08 -29.33 14.98
N GLU H 100 -0.92 -28.89 14.49
CA GLU H 100 0.08 -29.77 13.91
C GLU H 100 1.43 -29.20 14.32
N ILE H 101 2.17 -29.94 15.12
CA ILE H 101 3.43 -29.46 15.66
C ILE H 101 4.54 -30.39 15.19
N ARG H 102 5.50 -29.82 14.47
CA ARG H 102 6.71 -30.51 14.02
C ARG H 102 7.91 -29.85 14.67
N ILE H 103 8.87 -30.65 15.12
CA ILE H 103 10.14 -30.11 15.57
C ILE H 103 11.31 -30.63 14.76
N ARG H 104 11.17 -31.75 14.08
CA ARG H 104 12.17 -32.27 13.17
C ARG H 104 11.53 -32.60 11.85
N PRO H 105 12.15 -32.23 10.73
CA PRO H 105 13.50 -31.61 10.64
C PRO H 105 13.59 -30.14 11.09
N ASP H 106 12.48 -29.41 11.02
CA ASP H 106 12.43 -28.04 11.49
C ASP H 106 11.22 -27.85 12.38
N ILE H 107 11.33 -26.87 13.28
CA ILE H 107 10.22 -26.47 14.14
C ILE H 107 9.20 -25.72 13.29
N LYS H 108 7.98 -26.23 13.24
CA LYS H 108 6.97 -25.71 12.33
C LYS H 108 5.61 -26.05 12.91
N ILE H 109 4.79 -25.02 13.12
CA ILE H 109 3.50 -25.16 13.75
C ILE H 109 2.42 -24.71 12.76
N LYS H 110 1.39 -25.54 12.58
CA LYS H 110 0.27 -25.27 11.68
C LYS H 110 -1.03 -25.49 12.45
N SER H 111 -1.90 -24.48 12.49
CA SER H 111 -3.13 -24.54 13.28
C SER H 111 -4.29 -23.94 12.49
N SER H 112 -5.53 -24.35 12.81
CA SER H 112 -6.68 -23.77 12.10
C SER H 112 -7.96 -23.91 12.92
N SER H 113 -8.94 -23.07 12.55
CA SER H 113 -10.24 -22.99 13.21
C SER H 113 -11.30 -22.74 12.15
N VAL H 114 -12.15 -23.72 11.91
CA VAL H 114 -13.22 -23.55 10.92
C VAL H 114 -14.59 -23.49 11.57
#